data_3CZP
#
_entry.id   3CZP
#
_cell.length_a   97.089
_cell.length_b   100.735
_cell.length_c   120.128
_cell.angle_alpha   90.00
_cell.angle_beta   90.00
_cell.angle_gamma   90.00
#
_symmetry.space_group_name_H-M   'P 21 21 21'
#
loop_
_entity.id
_entity.type
_entity.pdbx_description
1 polymer 'Putative polyphosphate kinase 2'
2 non-polymer 'ACETATE ION'
3 non-polymer 1,2-ETHANEDIOL
4 non-polymer GLYCEROL
5 non-polymer 'MALONATE ION'
6 water water
#
_entity_poly.entity_id   1
_entity_poly.type   'polypeptide(L)'
_entity_poly.pdbx_seq_one_letter_code
;GH(MSE)FESAEVGHSIDKDTYEKAVIELREALLEAQFELKQQARFPVIILINGIEGAGKGETVKLLNEW(MSE)DPRLI
EVQSFLRPSDEELERPPQWRFWRRLPPKGRTGIFFGNWYSQ(MSE)LYARVEGHIKEAKLDQAIDAAERFER(MSE)LCD
EGALLFKFWFHLSKKQLKERLKALEKDPQHSWKLSPLDWKQSEVYDRFVHYGERVLRRTSRDYAPWYVVEGADERYRALT
VGRILLEGLQAALATKERAKRQPHAAPLVSSLDNRGLLDSLDLGQYLDKDAYKEQLAAEQARLAGLIRDKRFRQHSLVAV
FEGNDAAGKGGAIRRVTDALDPRQYHIVPIAAPTEEERAQPYLWRFWRHIPARRQFTIFDRSWYGRVLVERIEGFCAPAD
WLRAYGEINDFEEQLSEYGIIVVKFWLAIDKQTQ(MSE)ERFKEREKTPYKRYKITEEDWRNRDKWDQYVDAVGD(MSE)
VDRTSTEIAPWTLVEANDKRFARVKVLRTINDAIEAAYKKDKGA
;
_entity_poly.pdbx_strand_id   A,B
#
# COMPACT_ATOMS: atom_id res chain seq x y z
N PHE A 4 -25.49 0.38 -30.98
CA PHE A 4 -26.24 -0.32 -29.96
C PHE A 4 -27.49 -1.05 -30.48
N GLU A 5 -27.87 -0.84 -31.76
CA GLU A 5 -29.12 -1.46 -32.27
C GLU A 5 -29.13 -3.00 -32.23
N SER A 6 -27.94 -3.61 -32.23
CA SER A 6 -27.79 -5.07 -32.13
C SER A 6 -28.37 -5.63 -30.79
N ALA A 7 -28.19 -4.84 -29.74
CA ALA A 7 -28.55 -5.16 -28.38
C ALA A 7 -29.86 -4.41 -28.03
N GLU A 8 -30.65 -4.12 -29.06
CA GLU A 8 -31.97 -3.51 -28.87
C GLU A 8 -33.05 -4.38 -29.48
N VAL A 9 -32.66 -5.55 -29.99
CA VAL A 9 -33.56 -6.52 -30.65
C VAL A 9 -34.41 -7.31 -29.63
N GLY A 10 -34.00 -7.35 -28.36
CA GLY A 10 -34.87 -7.94 -27.30
C GLY A 10 -34.51 -9.35 -26.88
N HIS A 11 -33.21 -9.59 -26.71
CA HIS A 11 -32.68 -10.91 -26.29
C HIS A 11 -33.29 -11.37 -24.95
N SER A 12 -33.65 -12.66 -24.91
CA SER A 12 -34.35 -13.36 -23.80
C SER A 12 -33.76 -14.73 -23.66
N ILE A 13 -33.74 -15.28 -22.45
CA ILE A 13 -33.50 -16.71 -22.26
C ILE A 13 -34.52 -17.20 -21.26
N ASP A 14 -35.16 -18.32 -21.60
CA ASP A 14 -36.23 -18.90 -20.77
C ASP A 14 -35.67 -19.48 -19.47
N LYS A 15 -36.51 -19.51 -18.45
CA LYS A 15 -36.12 -19.96 -17.12
C LYS A 15 -35.44 -21.35 -17.07
N ASP A 16 -35.97 -22.33 -17.80
CA ASP A 16 -35.47 -23.69 -17.72
C ASP A 16 -34.13 -23.86 -18.45
N THR A 17 -33.97 -23.26 -19.62
CA THR A 17 -32.72 -23.27 -20.36
C THR A 17 -31.61 -22.57 -19.52
N TYR A 18 -31.97 -21.44 -18.90
CA TYR A 18 -31.09 -20.67 -18.04
C TYR A 18 -30.60 -21.50 -16.83
N GLU A 19 -31.53 -22.08 -16.09
CA GLU A 19 -31.17 -22.77 -14.88
C GLU A 19 -30.25 -23.94 -15.18
N LYS A 20 -30.58 -24.73 -16.24
CA LYS A 20 -29.69 -25.80 -16.69
C LYS A 20 -28.25 -25.31 -17.02
N ALA A 21 -28.17 -24.25 -17.80
CA ALA A 21 -26.87 -23.69 -18.21
C ALA A 21 -26.04 -23.18 -17.00
N VAL A 22 -26.72 -22.50 -16.10
CA VAL A 22 -26.08 -21.97 -14.91
C VAL A 22 -25.41 -23.02 -14.03
N ILE A 23 -25.97 -24.22 -13.93
CA ILE A 23 -25.41 -25.25 -13.08
C ILE A 23 -24.03 -25.59 -13.57
N GLU A 24 -23.91 -25.74 -14.90
CA GLU A 24 -22.65 -26.07 -15.54
C GLU A 24 -21.70 -24.87 -15.49
N LEU A 25 -22.22 -23.69 -15.78
CA LEU A 25 -21.45 -22.47 -15.95
C LEU A 25 -20.78 -22.13 -14.65
N ARG A 26 -21.51 -22.21 -13.54
CA ARG A 26 -20.95 -21.83 -12.26
C ARG A 26 -19.84 -22.82 -11.83
N GLU A 27 -20.03 -24.10 -12.09
CA GLU A 27 -18.97 -25.03 -11.79
C GLU A 27 -17.70 -24.76 -12.66
N ALA A 28 -17.87 -24.54 -13.97
CA ALA A 28 -16.79 -24.21 -14.88
C ALA A 28 -16.13 -22.87 -14.49
N LEU A 29 -16.91 -21.87 -14.05
CA LEU A 29 -16.31 -20.63 -13.57
C LEU A 29 -15.43 -20.82 -12.34
N LEU A 30 -15.98 -21.51 -11.36
CA LEU A 30 -15.27 -21.81 -10.15
C LEU A 30 -13.96 -22.54 -10.44
N GLU A 31 -13.98 -23.50 -11.36
CA GLU A 31 -12.75 -24.18 -11.76
C GLU A 31 -11.71 -23.32 -12.49
N ALA A 32 -12.19 -22.40 -13.34
CA ALA A 32 -11.36 -21.47 -14.08
C ALA A 32 -10.75 -20.50 -13.06
N GLN A 33 -11.56 -20.01 -12.13
CA GLN A 33 -11.05 -19.10 -11.10
C GLN A 33 -9.96 -19.74 -10.23
N PHE A 34 -10.09 -21.02 -9.91
CA PHE A 34 -9.12 -21.75 -9.13
C PHE A 34 -7.81 -21.94 -9.89
N GLU A 35 -7.90 -22.27 -11.15
CA GLU A 35 -6.71 -22.46 -12.02
C GLU A 35 -5.91 -21.13 -12.21
N LEU A 36 -6.66 -20.05 -12.30
CA LEU A 36 -6.13 -18.72 -12.34
C LEU A 36 -5.29 -18.41 -11.10
N LYS A 37 -5.81 -18.75 -9.92
CA LYS A 37 -5.13 -18.55 -8.67
C LYS A 37 -3.89 -19.42 -8.67
N GLN A 38 -4.08 -20.70 -9.00
CA GLN A 38 -2.96 -21.65 -9.10
C GLN A 38 -1.83 -21.17 -10.02
N GLN A 39 -2.17 -20.76 -11.23
CA GLN A 39 -1.13 -20.28 -12.16
C GLN A 39 -0.41 -18.99 -11.69
N ALA A 40 -1.16 -18.09 -11.06
CA ALA A 40 -0.60 -16.83 -10.55
C ALA A 40 0.21 -16.09 -11.62
N ARG A 41 -0.32 -16.03 -12.82
CA ARG A 41 0.46 -15.57 -13.95
C ARG A 41 -0.06 -14.26 -14.54
N PHE A 42 -1.32 -13.91 -14.25
CA PHE A 42 -1.88 -12.74 -14.81
C PHE A 42 -3.14 -12.35 -14.02
N PRO A 43 -3.45 -11.08 -14.05
CA PRO A 43 -4.65 -10.55 -13.44
C PRO A 43 -5.83 -10.60 -14.36
N VAL A 44 -7.02 -10.58 -13.77
CA VAL A 44 -8.23 -10.40 -14.52
C VAL A 44 -8.92 -9.10 -14.10
N ILE A 45 -9.20 -8.23 -15.08
CA ILE A 45 -9.89 -7.00 -14.80
C ILE A 45 -11.17 -6.93 -15.60
N ILE A 46 -12.25 -6.61 -14.91
CA ILE A 46 -13.58 -6.51 -15.50
C ILE A 46 -14.15 -5.12 -15.25
N LEU A 47 -14.39 -4.39 -16.34
CA LEU A 47 -15.06 -3.06 -16.29
C LEU A 47 -16.55 -3.21 -16.57
N ILE A 48 -17.32 -2.47 -15.78
CA ILE A 48 -18.78 -2.53 -15.74
C ILE A 48 -19.27 -1.14 -16.00
N ASN A 49 -20.01 -0.98 -17.10
CA ASN A 49 -20.47 0.28 -17.61
C ASN A 49 -21.81 0.14 -18.34
N GLY A 50 -22.43 1.27 -18.68
CA GLY A 50 -23.67 1.28 -19.41
C GLY A 50 -24.82 2.07 -18.82
N ILE A 51 -26.01 1.68 -19.23
CA ILE A 51 -27.22 2.47 -18.92
C ILE A 51 -27.68 2.11 -17.52
N GLU A 52 -28.09 3.16 -16.77
CA GLU A 52 -28.76 3.06 -15.49
C GLU A 52 -29.96 2.12 -15.66
N GLY A 53 -30.03 1.09 -14.82
CA GLY A 53 -31.18 0.19 -14.82
C GLY A 53 -31.01 -1.04 -15.72
N ALA A 54 -29.81 -1.20 -16.29
CA ALA A 54 -29.53 -2.26 -17.23
C ALA A 54 -28.92 -3.49 -16.57
N GLY A 55 -28.88 -3.51 -15.23
CA GLY A 55 -28.49 -4.70 -14.50
C GLY A 55 -27.03 -4.85 -14.19
N LYS A 56 -26.31 -3.72 -14.16
CA LYS A 56 -24.88 -3.70 -13.83
C LYS A 56 -24.57 -4.31 -12.46
N GLY A 57 -25.16 -3.74 -11.43
CA GLY A 57 -24.92 -4.15 -10.07
C GLY A 57 -25.52 -5.48 -9.77
N GLU A 58 -26.74 -5.70 -10.22
CA GLU A 58 -27.37 -7.04 -10.13
C GLU A 58 -26.48 -8.14 -10.72
N THR A 59 -25.92 -7.87 -11.88
CA THR A 59 -25.09 -8.89 -12.54
C THR A 59 -23.80 -9.17 -11.80
N VAL A 60 -23.11 -8.11 -11.36
CA VAL A 60 -21.88 -8.32 -10.61
C VAL A 60 -22.15 -9.04 -9.29
N LYS A 61 -23.29 -8.79 -8.70
CA LYS A 61 -23.64 -9.52 -7.49
C LYS A 61 -23.78 -11.03 -7.75
N LEU A 62 -24.44 -11.34 -8.87
CA LEU A 62 -24.71 -12.71 -9.25
C LEU A 62 -23.40 -13.41 -9.53
N LEU A 63 -22.45 -12.76 -10.21
CA LEU A 63 -21.11 -13.32 -10.43
C LEU A 63 -20.37 -13.71 -9.15
N ASN A 64 -20.63 -12.97 -8.09
CA ASN A 64 -20.06 -13.23 -6.75
C ASN A 64 -20.80 -14.27 -5.96
N GLU A 65 -21.88 -14.78 -6.54
CA GLU A 65 -22.58 -15.96 -6.02
C GLU A 65 -22.16 -17.17 -6.80
N TRP A 66 -22.02 -17.00 -8.10
CA TRP A 66 -21.54 -18.06 -8.98
C TRP A 66 -20.09 -18.41 -8.75
N ASP A 68 -16.25 -17.47 -6.62
CA ASP A 68 -15.82 -17.37 -5.23
C ASP A 68 -15.45 -15.90 -4.95
N PRO A 69 -16.25 -15.21 -4.13
CA PRO A 69 -15.92 -13.83 -3.85
C PRO A 69 -14.61 -13.62 -3.08
N ARG A 70 -14.11 -14.64 -2.37
CA ARG A 70 -12.83 -14.49 -1.70
C ARG A 70 -11.69 -14.13 -2.64
N LEU A 71 -11.86 -14.40 -3.94
CA LEU A 71 -10.81 -14.21 -4.98
C LEU A 71 -11.09 -13.02 -5.96
N ILE A 72 -12.08 -12.18 -5.60
CA ILE A 72 -12.62 -11.10 -6.43
C ILE A 72 -12.68 -9.83 -5.55
N GLU A 73 -12.12 -8.71 -6.01
N GLU A 73 -12.22 -8.71 -6.08
CA GLU A 73 -12.30 -7.41 -5.36
CA GLU A 73 -12.26 -7.42 -5.43
C GLU A 73 -13.20 -6.62 -6.28
C GLU A 73 -13.14 -6.52 -6.29
N VAL A 74 -14.20 -5.97 -5.71
CA VAL A 74 -15.14 -5.10 -6.42
C VAL A 74 -14.96 -3.68 -5.92
N GLN A 75 -14.54 -2.80 -6.83
CA GLN A 75 -14.25 -1.40 -6.52
C GLN A 75 -15.23 -0.46 -7.21
N SER A 76 -15.47 0.70 -6.58
CA SER A 76 -15.93 1.87 -7.32
C SER A 76 -15.06 3.09 -7.00
N PHE A 77 -14.97 4.01 -7.97
CA PHE A 77 -13.96 5.09 -7.94
C PHE A 77 -14.50 6.51 -8.00
N LEU A 78 -15.79 6.68 -7.76
CA LEU A 78 -16.37 8.02 -7.84
C LEU A 78 -16.62 8.71 -6.44
N ARG A 79 -15.83 8.35 -5.44
CA ARG A 79 -15.73 9.10 -4.18
C ARG A 79 -14.29 9.03 -3.76
N PRO A 80 -13.47 9.88 -4.35
CA PRO A 80 -12.06 9.84 -4.09
C PRO A 80 -11.73 10.32 -2.69
N SER A 81 -10.70 9.74 -2.11
CA SER A 81 -10.20 10.14 -0.81
C SER A 81 -9.26 11.34 -1.04
N ASP A 82 -8.75 11.91 0.06
CA ASP A 82 -7.77 12.98 0.01
C ASP A 82 -6.56 12.50 -0.77
N GLU A 83 -6.11 11.27 -0.50
CA GLU A 83 -4.85 10.74 -1.04
C GLU A 83 -4.93 10.69 -2.54
N GLU A 84 -6.10 10.30 -3.02
CA GLU A 84 -6.39 10.14 -4.43
C GLU A 84 -6.55 11.47 -5.19
N LEU A 85 -7.22 12.42 -4.56
CA LEU A 85 -7.44 13.76 -5.09
C LEU A 85 -6.17 14.61 -5.17
N GLU A 86 -5.23 14.37 -4.26
CA GLU A 86 -3.94 15.08 -4.27
C GLU A 86 -2.84 14.44 -5.16
N ARG A 87 -3.25 13.46 -5.95
CA ARG A 87 -2.36 12.79 -6.88
C ARG A 87 -2.98 12.78 -8.30
N PRO A 88 -2.17 12.50 -9.34
CA PRO A 88 -2.76 12.49 -10.68
C PRO A 88 -3.92 11.48 -10.80
N PRO A 89 -4.95 11.83 -11.58
CA PRO A 89 -6.17 11.03 -11.68
C PRO A 89 -5.97 9.53 -11.88
N GLN A 90 -4.94 9.14 -12.60
CA GLN A 90 -4.66 7.74 -12.91
C GLN A 90 -4.20 6.89 -11.68
N TRP A 91 -3.57 7.55 -10.71
CA TRP A 91 -2.99 6.91 -9.53
C TRP A 91 -3.98 6.01 -8.80
N ARG A 92 -5.19 6.49 -8.61
CA ARG A 92 -6.16 5.74 -7.86
C ARG A 92 -6.56 4.43 -8.50
N PHE A 93 -6.50 4.36 -9.84
CA PHE A 93 -6.76 3.10 -10.51
C PHE A 93 -5.56 2.16 -10.35
N TRP A 94 -4.37 2.68 -10.50
CA TRP A 94 -3.15 1.84 -10.30
C TRP A 94 -3.12 1.21 -8.92
N ARG A 95 -3.55 1.99 -7.93
CA ARG A 95 -3.56 1.58 -6.55
C ARG A 95 -4.44 0.34 -6.33
N ARG A 96 -5.51 0.19 -7.13
CA ARG A 96 -6.47 -0.93 -6.96
C ARG A 96 -6.36 -2.03 -7.98
N LEU A 97 -5.31 -2.05 -8.78
CA LEU A 97 -5.18 -3.14 -9.72
C LEU A 97 -5.07 -4.46 -8.95
N PRO A 98 -5.75 -5.56 -9.43
CA PRO A 98 -5.63 -6.83 -8.73
C PRO A 98 -4.35 -7.51 -9.14
N PRO A 99 -3.69 -8.20 -8.22
CA PRO A 99 -2.47 -8.93 -8.51
C PRO A 99 -2.70 -10.16 -9.41
N LYS A 100 -1.65 -10.65 -9.99
CA LYS A 100 -1.72 -11.90 -10.70
C LYS A 100 -2.43 -12.96 -9.92
N GLY A 101 -3.33 -13.66 -10.60
CA GLY A 101 -4.08 -14.73 -10.01
C GLY A 101 -5.38 -14.28 -9.37
N ARG A 102 -5.68 -12.99 -9.38
CA ARG A 102 -6.95 -12.47 -8.84
C ARG A 102 -7.72 -11.68 -9.86
N THR A 103 -8.97 -11.37 -9.50
CA THR A 103 -9.90 -10.64 -10.29
C THR A 103 -10.31 -9.39 -9.52
N GLY A 104 -10.37 -8.30 -10.30
CA GLY A 104 -10.85 -7.02 -9.82
C GLY A 104 -11.97 -6.59 -10.73
N ILE A 105 -13.08 -6.12 -10.14
CA ILE A 105 -14.23 -5.65 -10.94
C ILE A 105 -14.46 -4.16 -10.60
N PHE A 106 -14.38 -3.32 -11.61
CA PHE A 106 -14.39 -1.86 -11.48
C PHE A 106 -15.68 -1.25 -11.99
N PHE A 107 -16.43 -0.71 -11.06
CA PHE A 107 -17.49 0.22 -11.35
C PHE A 107 -16.84 1.63 -11.33
N GLY A 108 -17.59 2.61 -11.80
CA GLY A 108 -17.12 4.04 -11.73
C GLY A 108 -15.69 4.18 -12.21
N ASN A 109 -15.35 3.52 -13.32
CA ASN A 109 -13.97 3.41 -13.73
C ASN A 109 -13.65 4.67 -14.61
N TRP A 110 -12.60 4.62 -15.38
CA TRP A 110 -12.23 5.76 -16.22
C TRP A 110 -13.31 6.16 -17.27
N TYR A 111 -14.03 5.20 -17.81
CA TYR A 111 -15.16 5.46 -18.72
C TYR A 111 -16.33 6.19 -18.11
N SER A 112 -16.75 5.79 -16.92
CA SER A 112 -17.80 6.49 -16.20
C SER A 112 -17.36 7.93 -15.98
N GLN A 113 -16.12 8.11 -15.54
CA GLN A 113 -15.59 9.44 -15.33
C GLN A 113 -15.69 10.33 -16.56
N LEU A 115 -17.43 9.93 -19.52
CA LEU A 115 -18.79 10.04 -20.03
C LEU A 115 -19.59 10.98 -19.18
N TYR A 116 -19.51 10.82 -17.86
CA TYR A 116 -20.22 11.74 -16.97
C TYR A 116 -19.75 13.18 -17.20
N ALA A 117 -18.44 13.36 -17.28
CA ALA A 117 -17.84 14.67 -17.41
C ALA A 117 -18.33 15.41 -18.69
N ARG A 118 -18.43 14.65 -19.77
CA ARG A 118 -18.86 15.19 -21.08
C ARG A 118 -20.35 15.43 -21.11
N VAL A 119 -21.14 14.45 -20.66
CA VAL A 119 -22.58 14.57 -20.68
C VAL A 119 -23.03 15.76 -19.83
N GLU A 120 -22.31 16.02 -18.73
CA GLU A 120 -22.60 17.14 -17.84
C GLU A 120 -21.99 18.48 -18.26
N GLY A 121 -21.18 18.45 -19.30
CA GLY A 121 -20.52 19.67 -19.78
C GLY A 121 -19.34 20.13 -18.96
N HIS A 122 -18.77 19.25 -18.13
CA HIS A 122 -17.58 19.61 -17.38
C HIS A 122 -16.33 19.67 -18.25
N ILE A 123 -16.23 18.85 -19.29
CA ILE A 123 -15.10 18.86 -20.20
C ILE A 123 -15.57 19.05 -21.64
N LYS A 124 -14.69 19.56 -22.48
CA LYS A 124 -14.98 19.83 -23.88
C LYS A 124 -14.71 18.59 -24.72
N GLU A 125 -15.18 18.60 -25.97
CA GLU A 125 -14.91 17.54 -26.95
C GLU A 125 -13.43 17.14 -27.00
N ALA A 126 -12.52 18.12 -27.14
CA ALA A 126 -11.09 17.79 -27.20
C ALA A 126 -10.61 16.99 -25.97
N LYS A 127 -11.10 17.32 -24.79
CA LYS A 127 -10.62 16.68 -23.58
C LYS A 127 -11.20 15.28 -23.46
N LEU A 128 -12.45 15.08 -23.89
CA LEU A 128 -12.96 13.73 -24.01
C LEU A 128 -12.12 12.90 -24.97
N ASP A 129 -11.75 13.47 -26.12
CA ASP A 129 -10.94 12.72 -27.09
C ASP A 129 -9.58 12.31 -26.51
N GLN A 130 -9.06 13.16 -25.64
CA GLN A 130 -7.78 12.91 -24.98
C GLN A 130 -7.89 11.78 -23.97
N ALA A 131 -8.96 11.81 -23.16
CA ALA A 131 -9.32 10.81 -22.20
C ALA A 131 -9.53 9.48 -22.88
N ILE A 132 -10.18 9.50 -24.03
CA ILE A 132 -10.37 8.30 -24.79
C ILE A 132 -9.04 7.71 -25.15
N ASP A 133 -8.15 8.51 -25.75
CA ASP A 133 -6.84 7.99 -26.18
C ASP A 133 -6.00 7.49 -24.99
N ALA A 134 -6.02 8.22 -23.88
CA ALA A 134 -5.31 7.79 -22.63
C ALA A 134 -5.79 6.41 -22.12
N ALA A 135 -7.07 6.12 -22.29
CA ALA A 135 -7.64 4.88 -21.88
C ALA A 135 -7.12 3.78 -22.81
N GLU A 136 -7.15 4.06 -24.12
CA GLU A 136 -6.69 3.08 -25.07
C GLU A 136 -5.25 2.74 -24.72
N ARG A 137 -4.40 3.73 -24.49
CA ARG A 137 -2.98 3.49 -24.19
C ARG A 137 -2.77 2.73 -22.82
N PHE A 138 -3.52 3.12 -21.82
CA PHE A 138 -3.46 2.50 -20.49
C PHE A 138 -3.86 1.01 -20.65
N GLU A 139 -5.02 0.76 -21.23
CA GLU A 139 -5.45 -0.64 -21.44
C GLU A 139 -4.48 -1.45 -22.25
N ARG A 140 -3.89 -0.84 -23.27
CA ARG A 140 -2.92 -1.57 -24.11
C ARG A 140 -1.72 -2.06 -23.32
N LEU A 142 -1.54 -2.54 -20.03
CA LEU A 142 -1.96 -3.57 -19.09
C LEU A 142 -2.07 -4.89 -19.72
N CYS A 143 -2.65 -4.93 -20.90
CA CYS A 143 -2.77 -6.17 -21.68
C CYS A 143 -1.44 -6.63 -22.22
N ASP A 144 -0.60 -5.69 -22.65
CA ASP A 144 0.82 -6.03 -23.03
C ASP A 144 1.60 -6.64 -21.86
N GLU A 145 1.35 -6.18 -20.65
CA GLU A 145 1.90 -6.74 -19.41
C GLU A 145 1.30 -8.10 -18.96
N GLY A 146 0.14 -8.45 -19.49
CA GLY A 146 -0.43 -9.77 -19.34
C GLY A 146 -1.86 -9.79 -18.88
N ALA A 147 -2.43 -8.62 -18.58
CA ALA A 147 -3.80 -8.60 -18.07
C ALA A 147 -4.77 -9.18 -19.06
N LEU A 148 -5.78 -9.87 -18.50
CA LEU A 148 -7.00 -10.23 -19.17
C LEU A 148 -8.11 -9.25 -18.80
N LEU A 149 -8.50 -8.45 -19.79
CA LEU A 149 -9.33 -7.29 -19.61
C LEU A 149 -10.64 -7.46 -20.34
N PHE A 150 -11.70 -7.53 -19.58
CA PHE A 150 -13.06 -7.57 -20.11
C PHE A 150 -13.72 -6.20 -19.93
N LYS A 151 -14.47 -5.71 -20.92
CA LYS A 151 -15.30 -4.51 -20.75
C LYS A 151 -16.78 -4.78 -21.16
N PHE A 152 -17.70 -4.57 -20.23
CA PHE A 152 -19.07 -4.86 -20.48
C PHE A 152 -19.85 -3.60 -20.42
N TRP A 153 -20.61 -3.38 -21.48
CA TRP A 153 -21.57 -2.32 -21.57
C TRP A 153 -22.99 -2.90 -21.53
N PHE A 154 -23.67 -2.69 -20.41
CA PHE A 154 -25.03 -3.10 -20.18
C PHE A 154 -25.98 -2.09 -20.80
N HIS A 155 -26.79 -2.55 -21.75
CA HIS A 155 -27.57 -1.65 -22.56
C HIS A 155 -29.07 -1.75 -22.34
N LEU A 156 -29.76 -0.60 -22.46
CA LEU A 156 -31.19 -0.57 -22.69
C LEU A 156 -31.41 0.46 -23.76
N SER A 157 -32.45 0.26 -24.55
CA SER A 157 -32.89 1.28 -25.48
C SER A 157 -33.68 2.33 -24.71
N LYS A 158 -33.89 3.44 -25.39
CA LYS A 158 -34.59 4.56 -24.81
C LYS A 158 -35.95 4.11 -24.28
N LYS A 159 -36.68 3.38 -25.13
CA LYS A 159 -38.00 2.80 -24.85
C LYS A 159 -37.97 1.84 -23.67
N GLN A 160 -36.91 1.04 -23.60
CA GLN A 160 -36.73 0.06 -22.50
C GLN A 160 -36.41 0.83 -21.22
N LEU A 161 -35.46 1.76 -21.26
CA LEU A 161 -35.23 2.67 -20.12
C LEU A 161 -36.52 3.34 -19.64
N LYS A 162 -37.27 3.91 -20.57
CA LYS A 162 -38.54 4.56 -20.27
C LYS A 162 -39.46 3.76 -19.35
N GLU A 163 -39.56 2.46 -19.58
CA GLU A 163 -40.43 1.58 -18.76
C GLU A 163 -39.80 1.32 -17.36
N ARG A 164 -38.48 1.15 -17.32
CA ARG A 164 -37.76 0.76 -16.09
C ARG A 164 -37.93 1.75 -14.93
N LEU A 178 -25.94 4.97 -6.65
CA LEU A 178 -26.87 6.00 -7.11
C LEU A 178 -26.21 6.93 -8.14
N SER A 179 -26.55 6.75 -9.43
CA SER A 179 -25.95 7.54 -10.52
C SER A 179 -26.07 9.06 -10.30
N PRO A 180 -25.00 9.82 -10.60
CA PRO A 180 -25.06 11.29 -10.49
C PRO A 180 -25.86 11.98 -11.63
N LEU A 181 -26.14 11.26 -12.72
CA LEU A 181 -26.98 11.75 -13.85
C LEU A 181 -28.47 11.49 -13.60
N ASP A 182 -29.32 12.43 -14.05
CA ASP A 182 -30.78 12.28 -13.98
C ASP A 182 -31.27 11.60 -15.24
N TRP A 183 -31.43 10.30 -15.15
CA TRP A 183 -31.83 9.52 -16.28
C TRP A 183 -33.29 9.72 -16.70
N LYS A 184 -34.07 10.46 -15.91
CA LYS A 184 -35.44 10.83 -16.27
C LYS A 184 -35.50 11.81 -17.44
N GLN A 185 -34.48 12.65 -17.53
CA GLN A 185 -34.33 13.55 -18.64
C GLN A 185 -33.92 12.81 -19.89
N SER A 186 -34.71 13.00 -20.94
CA SER A 186 -34.55 12.35 -22.25
C SER A 186 -33.17 12.64 -22.84
N GLU A 187 -32.76 13.91 -22.74
CA GLU A 187 -31.46 14.36 -23.23
C GLU A 187 -30.29 13.60 -22.61
N VAL A 188 -30.38 13.24 -21.32
CA VAL A 188 -29.32 12.48 -20.64
C VAL A 188 -29.05 11.22 -21.44
N TYR A 189 -30.03 10.33 -21.59
CA TYR A 189 -29.85 9.08 -22.40
C TYR A 189 -29.25 9.34 -23.81
N ASP A 190 -29.88 10.27 -24.54
CA ASP A 190 -29.45 10.54 -25.90
C ASP A 190 -27.97 10.93 -25.96
N ARG A 191 -27.51 11.74 -25.02
CA ARG A 191 -26.13 12.18 -25.06
C ARG A 191 -25.19 11.14 -24.57
N PHE A 192 -25.59 10.41 -23.54
CA PHE A 192 -24.81 9.32 -23.02
C PHE A 192 -24.48 8.27 -24.09
N VAL A 193 -25.50 7.92 -24.88
CA VAL A 193 -25.33 6.89 -25.88
C VAL A 193 -24.57 7.44 -27.08
N HIS A 194 -24.73 8.73 -27.39
CA HIS A 194 -23.94 9.40 -28.45
C HIS A 194 -22.46 9.37 -28.16
N TYR A 195 -22.09 9.78 -26.96
CA TYR A 195 -20.70 9.70 -26.54
C TYR A 195 -20.23 8.25 -26.30
N GLY A 196 -21.10 7.42 -25.72
CA GLY A 196 -20.79 5.99 -25.54
C GLY A 196 -20.39 5.34 -26.87
N GLU A 197 -21.06 5.70 -27.93
CA GLU A 197 -20.68 5.19 -29.23
C GLU A 197 -19.26 5.53 -29.65
N ARG A 198 -18.87 6.78 -29.42
CA ARG A 198 -17.55 7.28 -29.75
C ARG A 198 -16.48 6.64 -28.87
N VAL A 199 -16.72 6.58 -27.56
CA VAL A 199 -15.83 5.84 -26.64
C VAL A 199 -15.62 4.39 -26.99
N LEU A 200 -16.72 3.68 -27.24
CA LEU A 200 -16.69 2.25 -27.53
C LEU A 200 -16.00 1.92 -28.87
N ARG A 201 -16.28 2.65 -29.93
CA ARG A 201 -15.61 2.44 -31.19
C ARG A 201 -14.10 2.55 -31.08
N ARG A 202 -13.66 3.56 -30.34
CA ARG A 202 -12.25 3.88 -30.25
C ARG A 202 -11.43 2.97 -29.31
N THR A 203 -12.12 2.33 -28.37
CA THR A 203 -11.45 1.56 -27.32
C THR A 203 -11.76 0.09 -27.36
N SER A 204 -12.54 -0.33 -28.33
CA SER A 204 -12.77 -1.75 -28.54
C SER A 204 -11.63 -2.29 -29.41
N ARG A 205 -10.80 -3.16 -28.86
CA ARG A 205 -9.62 -3.70 -29.53
C ARG A 205 -9.70 -5.20 -29.49
N ASP A 206 -8.95 -5.83 -30.36
CA ASP A 206 -8.95 -7.29 -30.45
C ASP A 206 -8.48 -7.95 -29.13
N TYR A 207 -7.53 -7.31 -28.46
CA TYR A 207 -7.00 -7.81 -27.15
C TYR A 207 -7.81 -7.35 -25.95
N ALA A 208 -8.75 -6.41 -26.14
CA ALA A 208 -9.62 -5.97 -25.07
C ALA A 208 -10.92 -5.38 -25.70
N PRO A 209 -11.84 -6.28 -26.13
CA PRO A 209 -13.09 -5.89 -26.78
C PRO A 209 -14.08 -5.26 -25.82
N TRP A 210 -15.00 -4.46 -26.34
CA TRP A 210 -16.19 -4.09 -25.58
C TRP A 210 -17.25 -5.13 -25.90
N TYR A 211 -17.98 -5.54 -24.87
CA TYR A 211 -19.12 -6.47 -25.09
C TYR A 211 -20.38 -5.70 -24.70
N VAL A 212 -21.26 -5.46 -25.68
CA VAL A 212 -22.52 -4.78 -25.46
C VAL A 212 -23.59 -5.84 -25.18
N VAL A 213 -24.09 -5.84 -23.97
CA VAL A 213 -25.03 -6.88 -23.54
C VAL A 213 -26.37 -6.24 -23.25
N GLU A 214 -27.41 -6.66 -23.99
CA GLU A 214 -28.74 -6.16 -23.73
C GLU A 214 -29.24 -6.55 -22.32
N GLY A 215 -29.66 -5.55 -21.55
CA GLY A 215 -29.94 -5.78 -20.14
C GLY A 215 -31.39 -5.93 -19.74
N ALA A 216 -32.28 -6.02 -20.71
CA ALA A 216 -33.70 -6.01 -20.45
C ALA A 216 -34.09 -7.35 -19.82
N ASP A 217 -33.45 -8.44 -20.26
CA ASP A 217 -33.67 -9.75 -19.68
C ASP A 217 -32.58 -10.18 -18.68
N GLU A 218 -32.97 -10.34 -17.41
CA GLU A 218 -32.05 -10.71 -16.33
C GLU A 218 -31.31 -12.01 -16.67
N ARG A 219 -32.07 -13.01 -17.11
CA ARG A 219 -31.49 -14.30 -17.50
C ARG A 219 -30.51 -14.20 -18.64
N TYR A 220 -30.90 -13.58 -19.74
CA TYR A 220 -29.98 -13.39 -20.85
C TYR A 220 -28.69 -12.60 -20.47
N ARG A 221 -28.86 -11.51 -19.74
CA ARG A 221 -27.74 -10.62 -19.45
C ARG A 221 -26.69 -11.30 -18.55
N ALA A 222 -27.14 -12.03 -17.51
CA ALA A 222 -26.20 -12.69 -16.60
C ALA A 222 -25.50 -13.84 -17.23
N LEU A 223 -26.26 -14.71 -17.88
CA LEU A 223 -25.69 -15.83 -18.59
C LEU A 223 -24.72 -15.42 -19.68
N THR A 224 -25.08 -14.37 -20.44
CA THR A 224 -24.24 -13.89 -21.54
C THR A 224 -22.85 -13.40 -21.07
N VAL A 225 -22.86 -12.55 -20.05
CA VAL A 225 -21.63 -12.06 -19.38
C VAL A 225 -20.80 -13.23 -18.79
N GLY A 226 -21.46 -14.15 -18.09
CA GLY A 226 -20.76 -15.30 -17.51
C GLY A 226 -20.12 -16.21 -18.53
N ARG A 227 -20.82 -16.43 -19.64
CA ARG A 227 -20.28 -17.21 -20.78
C ARG A 227 -19.07 -16.53 -21.39
N ILE A 228 -19.19 -15.21 -21.57
CA ILE A 228 -18.06 -14.43 -22.14
C ILE A 228 -16.83 -14.52 -21.21
N LEU A 229 -17.04 -14.32 -19.91
CA LEU A 229 -15.97 -14.47 -18.93
C LEU A 229 -15.31 -15.87 -18.97
N LEU A 230 -16.13 -16.94 -18.96
CA LEU A 230 -15.60 -18.30 -19.00
C LEU A 230 -14.76 -18.52 -20.21
N GLU A 231 -15.28 -18.15 -21.36
CA GLU A 231 -14.58 -18.35 -22.63
C GLU A 231 -13.24 -17.66 -22.63
N GLY A 232 -13.26 -16.39 -22.24
CA GLY A 232 -12.05 -15.56 -22.21
C GLY A 232 -11.03 -16.09 -21.21
N LEU A 233 -11.48 -16.49 -20.02
CA LEU A 233 -10.60 -17.02 -19.03
C LEU A 233 -10.02 -18.40 -19.36
N GLN A 234 -10.84 -19.31 -19.89
CA GLN A 234 -10.35 -20.63 -20.33
C GLN A 234 -9.26 -20.46 -21.41
N ALA A 235 -9.49 -19.59 -22.40
CA ALA A 235 -8.53 -19.34 -23.48
C ALA A 235 -7.20 -18.84 -22.95
N ALA A 236 -7.29 -17.85 -22.06
CA ALA A 236 -6.12 -17.23 -21.49
C ALA A 236 -5.39 -18.23 -20.63
N LEU A 237 -6.11 -19.05 -19.84
CA LEU A 237 -5.45 -20.03 -18.97
C LEU A 237 -4.70 -21.04 -19.78
N ALA A 238 -5.13 -21.31 -21.02
CA ALA A 238 -4.45 -22.32 -21.91
C ALA A 238 -3.15 -21.90 -22.59
N THR A 239 -2.96 -20.59 -22.80
CA THR A 239 -1.84 -20.10 -23.61
C THR A 239 -0.51 -20.44 -22.92
N ASP A 257 22.51 5.61 -35.20
CA ASP A 257 23.53 5.69 -34.16
C ASP A 257 23.29 6.85 -33.18
N ASN A 258 22.74 6.52 -32.01
CA ASN A 258 22.39 7.50 -30.97
C ASN A 258 23.51 7.92 -29.96
N ARG A 259 24.74 7.43 -30.18
CA ARG A 259 25.86 7.68 -29.23
C ARG A 259 26.56 9.05 -29.37
N GLY A 260 26.26 9.80 -30.44
CA GLY A 260 26.78 11.17 -30.63
C GLY A 260 26.26 12.20 -29.63
N LEU A 261 25.12 11.90 -28.97
CA LEU A 261 24.60 12.74 -27.88
C LEU A 261 25.50 12.66 -26.65
N LEU A 262 26.10 11.49 -26.44
CA LEU A 262 26.99 11.22 -25.33
C LEU A 262 28.46 11.48 -25.70
N ASP A 263 28.82 11.14 -26.93
CA ASP A 263 30.18 11.37 -27.42
C ASP A 263 30.47 12.86 -27.55
N SER A 264 29.42 13.66 -27.73
CA SER A 264 29.59 15.10 -27.89
C SER A 264 29.65 15.91 -26.58
N LEU A 265 29.42 15.29 -25.43
CA LEU A 265 29.61 15.99 -24.15
C LEU A 265 31.06 16.39 -23.91
N ASP A 266 31.22 17.53 -23.26
CA ASP A 266 32.52 18.01 -22.85
C ASP A 266 32.69 17.65 -21.37
N LEU A 267 33.26 16.48 -21.16
CA LEU A 267 33.44 15.94 -19.81
C LEU A 267 34.68 16.51 -19.14
N GLY A 268 35.36 17.44 -19.82
CA GLY A 268 36.50 18.19 -19.26
C GLY A 268 36.09 19.36 -18.38
N GLN A 269 34.79 19.62 -18.21
CA GLN A 269 34.34 20.77 -17.42
C GLN A 269 34.42 20.56 -15.90
N TYR A 270 34.66 21.66 -15.16
CA TYR A 270 34.80 21.63 -13.71
C TYR A 270 34.56 22.99 -13.00
N LEU A 271 34.50 22.93 -11.67
CA LEU A 271 34.36 24.08 -10.80
C LEU A 271 35.48 24.10 -9.77
N ASP A 272 36.13 25.24 -9.66
CA ASP A 272 37.09 25.51 -8.60
C ASP A 272 36.45 25.47 -7.20
N LYS A 273 37.26 25.09 -6.21
CA LYS A 273 36.75 24.94 -4.85
C LYS A 273 35.97 26.16 -4.42
N ASP A 274 36.48 27.36 -4.69
CA ASP A 274 35.79 28.58 -4.25
C ASP A 274 34.48 28.87 -5.07
N ALA A 275 34.57 28.69 -6.41
CA ALA A 275 33.41 28.90 -7.25
C ALA A 275 32.31 27.88 -6.87
N TYR A 276 32.70 26.65 -6.51
CA TYR A 276 31.78 25.63 -6.05
C TYR A 276 31.09 26.03 -4.77
N LYS A 277 31.80 26.54 -3.78
CA LYS A 277 31.15 26.71 -2.47
C LYS A 277 30.12 27.84 -2.51
N GLU A 278 30.42 28.89 -3.28
CA GLU A 278 29.53 30.04 -3.44
C GLU A 278 28.30 29.62 -4.23
N GLN A 279 28.55 28.99 -5.37
CA GLN A 279 27.49 28.55 -6.27
C GLN A 279 26.64 27.49 -5.60
N LEU A 280 27.25 26.50 -4.95
CA LEU A 280 26.49 25.49 -4.21
C LEU A 280 25.57 26.17 -3.18
N ALA A 281 26.13 27.09 -2.40
CA ALA A 281 25.38 27.87 -1.41
C ALA A 281 24.22 28.69 -2.04
N ALA A 282 24.50 29.34 -3.16
CA ALA A 282 23.47 30.13 -3.84
C ALA A 282 22.32 29.24 -4.32
N GLU A 283 22.68 28.11 -4.92
CA GLU A 283 21.62 27.23 -5.50
C GLU A 283 20.77 26.48 -4.45
N GLN A 284 21.41 26.07 -3.35
CA GLN A 284 20.71 25.50 -2.21
C GLN A 284 19.69 26.51 -1.61
N ALA A 285 20.09 27.76 -1.43
CA ALA A 285 19.17 28.84 -0.96
C ALA A 285 18.01 29.08 -1.93
N ARG A 286 18.33 29.01 -3.23
CA ARG A 286 17.36 29.27 -4.29
C ARG A 286 16.33 28.14 -4.25
N LEU A 287 16.81 26.90 -4.13
CA LEU A 287 15.89 25.74 -4.02
C LEU A 287 15.03 25.85 -2.77
N ALA A 288 15.61 26.16 -1.62
CA ALA A 288 14.83 26.27 -0.40
C ALA A 288 13.70 27.31 -0.59
N GLY A 289 14.03 28.40 -1.27
CA GLY A 289 13.05 29.49 -1.39
C GLY A 289 11.95 29.14 -2.36
N LEU A 290 12.31 28.40 -3.42
CA LEU A 290 11.33 27.99 -4.46
C LEU A 290 10.33 27.01 -3.93
N ILE A 291 10.79 26.11 -3.06
CA ILE A 291 9.96 25.08 -2.41
C ILE A 291 8.98 25.71 -1.40
N ARG A 292 9.41 26.80 -0.77
CA ARG A 292 8.68 27.47 0.29
C ARG A 292 7.69 28.45 -0.34
N ASP A 293 7.92 28.82 -1.60
CA ASP A 293 7.06 29.78 -2.30
C ASP A 293 5.64 29.21 -2.31
N LYS A 294 4.65 30.06 -2.07
CA LYS A 294 3.23 29.63 -2.08
C LYS A 294 2.83 28.90 -3.39
N ARG A 295 3.54 29.19 -4.49
CA ARG A 295 3.17 28.64 -5.80
C ARG A 295 3.45 27.15 -5.89
N PHE A 296 4.33 26.65 -5.01
CA PHE A 296 4.60 25.23 -4.98
C PHE A 296 3.43 24.37 -4.55
N ARG A 297 2.45 24.95 -3.85
CA ARG A 297 1.22 24.23 -3.45
C ARG A 297 0.43 23.65 -4.59
N GLN A 298 0.55 24.29 -5.74
CA GLN A 298 -0.09 23.86 -6.96
C GLN A 298 0.68 22.77 -7.66
N HIS A 299 1.80 22.36 -7.09
CA HIS A 299 2.76 21.51 -7.76
C HIS A 299 3.33 20.42 -6.87
N SER A 300 4.10 19.55 -7.50
CA SER A 300 5.03 18.73 -6.75
C SER A 300 6.26 18.53 -7.64
N LEU A 301 7.28 17.85 -7.11
CA LEU A 301 8.53 17.70 -7.82
C LEU A 301 8.89 16.24 -7.86
N VAL A 302 9.32 15.78 -9.04
CA VAL A 302 10.00 14.47 -9.21
C VAL A 302 11.34 14.69 -9.84
N ALA A 303 12.40 14.25 -9.13
CA ALA A 303 13.80 14.20 -9.65
C ALA A 303 14.24 12.79 -9.82
N VAL A 304 14.55 12.44 -11.06
CA VAL A 304 15.03 11.13 -11.40
C VAL A 304 16.55 11.14 -11.60
N PHE A 305 17.25 10.20 -10.98
CA PHE A 305 18.72 10.08 -11.17
C PHE A 305 19.15 8.75 -11.74
N GLU A 306 19.84 8.82 -12.88
CA GLU A 306 20.49 7.70 -13.48
C GLU A 306 21.94 8.10 -13.79
N GLY A 307 22.80 7.10 -14.00
CA GLY A 307 24.14 7.35 -14.55
C GLY A 307 24.99 6.13 -14.44
N ASN A 308 26.19 6.21 -14.98
CA ASN A 308 27.17 5.17 -14.84
C ASN A 308 27.44 4.83 -13.36
N ASP A 309 27.92 3.62 -13.11
CA ASP A 309 28.33 3.24 -11.78
C ASP A 309 29.45 4.17 -11.33
N ALA A 310 29.42 4.55 -10.06
CA ALA A 310 30.39 5.49 -9.49
C ALA A 310 30.29 6.90 -10.06
N ALA A 311 29.22 7.22 -10.78
CA ALA A 311 29.05 8.54 -11.40
C ALA A 311 28.82 9.62 -10.36
N GLY A 312 28.42 9.19 -9.17
CA GLY A 312 28.24 10.08 -8.03
C GLY A 312 26.79 10.56 -7.88
N LYS A 313 25.82 9.66 -8.04
CA LYS A 313 24.38 10.00 -7.83
C LYS A 313 24.05 10.32 -6.36
N GLY A 314 24.57 9.51 -5.45
CA GLY A 314 24.36 9.67 -4.03
C GLY A 314 24.83 11.04 -3.55
N GLY A 315 25.99 11.43 -4.04
CA GLY A 315 26.54 12.70 -3.66
C GLY A 315 25.74 13.86 -4.19
N ALA A 316 25.37 13.81 -5.47
CA ALA A 316 24.48 14.86 -6.06
C ALA A 316 23.17 14.93 -5.33
N ILE A 317 22.60 13.78 -5.00
CA ILE A 317 21.31 13.75 -4.32
C ILE A 317 21.42 14.40 -2.95
N ARG A 318 22.50 14.16 -2.24
CA ARG A 318 22.57 14.70 -0.89
C ARG A 318 22.80 16.22 -0.86
N ARG A 319 23.44 16.78 -1.88
CA ARG A 319 23.59 18.24 -1.94
C ARG A 319 22.22 18.93 -2.21
N VAL A 320 21.30 18.21 -2.83
CA VAL A 320 19.89 18.68 -2.96
C VAL A 320 19.21 18.58 -1.60
N THR A 321 19.34 17.44 -0.93
CA THR A 321 18.62 17.24 0.35
C THR A 321 19.15 18.21 1.39
N ASP A 322 20.45 18.52 1.34
CA ASP A 322 21.14 19.45 2.27
C ASP A 322 20.49 20.81 2.28
N ALA A 323 19.89 21.18 1.15
CA ALA A 323 19.14 22.42 1.00
C ALA A 323 17.82 22.46 1.78
N LEU A 324 17.25 21.31 2.12
CA LEU A 324 15.91 21.26 2.68
C LEU A 324 15.77 20.52 4.01
N ASP A 325 14.60 20.61 4.61
CA ASP A 325 14.27 19.83 5.81
C ASP A 325 13.84 18.42 5.33
N PRO A 326 14.18 17.37 6.09
CA PRO A 326 13.77 16.04 5.61
C PRO A 326 12.28 15.78 5.52
N ARG A 327 11.45 16.52 6.25
CA ARG A 327 10.00 16.43 6.08
C ARG A 327 9.53 16.94 4.73
N GLN A 328 10.42 17.56 3.97
CA GLN A 328 10.06 18.12 2.66
C GLN A 328 10.27 17.19 1.44
N TYR A 329 10.89 16.02 1.64
CA TYR A 329 11.27 15.19 0.54
C TYR A 329 11.16 13.74 0.95
N HIS A 330 11.20 12.86 -0.07
CA HIS A 330 11.07 11.41 0.07
C HIS A 330 12.00 10.83 -0.98
N ILE A 331 13.06 10.11 -0.56
CA ILE A 331 13.98 9.52 -1.51
C ILE A 331 13.65 8.04 -1.64
N VAL A 332 13.53 7.56 -2.89
CA VAL A 332 13.23 6.16 -3.22
C VAL A 332 14.38 5.54 -3.98
N PRO A 333 15.17 4.71 -3.32
CA PRO A 333 16.25 4.01 -4.01
C PRO A 333 15.69 2.78 -4.72
N ILE A 334 15.71 2.76 -6.04
CA ILE A 334 14.95 1.73 -6.76
C ILE A 334 15.92 0.58 -6.89
N ALA A 335 15.48 -0.62 -6.46
CA ALA A 335 16.19 -1.88 -6.63
C ALA A 335 15.29 -2.90 -7.38
N ALA A 336 15.69 -4.18 -7.30
CA ALA A 336 14.97 -5.33 -7.84
C ALA A 336 13.54 -5.26 -7.29
N PRO A 337 12.52 -5.54 -8.13
CA PRO A 337 11.20 -5.51 -7.55
C PRO A 337 10.90 -6.55 -6.44
N THR A 338 10.13 -6.13 -5.44
CA THR A 338 9.67 -7.02 -4.37
C THR A 338 8.55 -7.93 -4.93
N GLU A 339 8.13 -8.89 -4.14
CA GLU A 339 7.08 -9.86 -4.52
C GLU A 339 5.75 -9.21 -4.94
N GLU A 340 5.33 -8.22 -4.15
N GLU A 340 5.33 -8.23 -4.15
CA GLU A 340 4.11 -7.47 -4.40
CA GLU A 340 4.13 -7.47 -4.43
C GLU A 340 4.20 -6.56 -5.63
C GLU A 340 4.27 -6.76 -5.76
N GLU A 341 5.43 -6.12 -5.98
CA GLU A 341 5.68 -5.41 -7.20
C GLU A 341 5.74 -6.33 -8.44
N ARG A 342 6.27 -7.52 -8.26
CA ARG A 342 6.34 -8.47 -9.34
C ARG A 342 4.93 -9.02 -9.76
N ALA A 343 3.96 -9.01 -8.84
CA ALA A 343 2.58 -9.46 -9.08
C ALA A 343 1.78 -8.41 -9.85
N GLN A 344 2.43 -7.29 -10.22
CA GLN A 344 1.70 -6.13 -10.83
C GLN A 344 2.43 -5.70 -12.11
N PRO A 345 1.77 -4.92 -12.98
CA PRO A 345 2.45 -4.42 -14.16
C PRO A 345 3.60 -3.46 -13.79
N TYR A 346 4.60 -3.43 -14.65
CA TYR A 346 5.84 -2.69 -14.42
C TYR A 346 5.72 -1.31 -13.73
N LEU A 347 4.88 -0.40 -14.24
CA LEU A 347 4.85 1.00 -13.68
C LEU A 347 4.18 1.10 -12.33
N TRP A 348 3.43 0.08 -11.94
CA TRP A 348 2.78 0.06 -10.62
C TRP A 348 3.72 0.41 -9.47
N ARG A 349 4.93 -0.16 -9.51
CA ARG A 349 5.94 0.08 -8.49
CA ARG A 349 5.94 0.08 -8.49
C ARG A 349 6.34 1.54 -8.42
N PHE A 350 6.28 2.24 -9.55
CA PHE A 350 6.64 3.65 -9.57
C PHE A 350 5.51 4.56 -9.20
N TRP A 351 4.33 4.28 -9.74
CA TRP A 351 3.13 5.05 -9.39
C TRP A 351 2.90 5.15 -7.87
N ARG A 352 3.23 4.09 -7.17
CA ARG A 352 2.97 3.94 -5.74
C ARG A 352 3.81 4.93 -4.99
N HIS A 353 4.88 5.41 -5.61
CA HIS A 353 5.73 6.41 -5.03
C HIS A 353 5.55 7.83 -5.51
N ILE A 354 4.54 8.11 -6.32
CA ILE A 354 4.39 9.45 -6.89
C ILE A 354 3.97 10.41 -5.81
N PRO A 355 4.55 11.63 -5.78
CA PRO A 355 4.21 12.53 -4.68
C PRO A 355 2.81 13.15 -4.74
N ALA A 356 2.21 13.34 -3.57
CA ALA A 356 1.08 14.24 -3.45
C ALA A 356 1.50 15.70 -3.76
N ARG A 357 0.53 16.56 -3.92
CA ARG A 357 0.82 17.98 -4.08
C ARG A 357 1.67 18.50 -2.92
N ARG A 358 2.61 19.38 -3.28
CA ARG A 358 3.53 20.01 -2.37
C ARG A 358 4.66 19.11 -1.91
N GLN A 359 4.76 17.88 -2.44
CA GLN A 359 5.82 16.96 -2.03
C GLN A 359 6.90 16.89 -3.11
N PHE A 360 8.02 16.29 -2.73
CA PHE A 360 9.22 16.20 -3.59
C PHE A 360 9.76 14.79 -3.46
N THR A 361 9.76 14.02 -4.54
CA THR A 361 10.23 12.63 -4.49
C THR A 361 11.44 12.55 -5.39
N ILE A 362 12.49 11.95 -4.87
CA ILE A 362 13.72 11.74 -5.59
C ILE A 362 13.86 10.20 -5.83
N PHE A 363 14.11 9.84 -7.09
CA PHE A 363 14.24 8.49 -7.52
C PHE A 363 15.71 8.24 -7.82
N ASP A 364 16.32 7.47 -6.96
CA ASP A 364 17.66 7.00 -7.21
C ASP A 364 17.55 5.70 -7.99
N ARG A 365 17.74 5.84 -9.31
CA ARG A 365 17.28 4.87 -10.30
C ARG A 365 15.77 4.89 -10.35
N SER A 366 15.19 4.40 -11.42
CA SER A 366 13.83 4.78 -11.73
C SER A 366 13.24 3.80 -12.69
N TRP A 367 12.12 4.20 -13.30
CA TRP A 367 11.46 3.39 -14.34
C TRP A 367 12.27 3.22 -15.61
N TYR A 368 13.29 4.03 -15.80
CA TYR A 368 14.26 3.90 -16.89
C TYR A 368 15.10 2.62 -16.86
N GLY A 369 15.11 1.95 -15.71
CA GLY A 369 15.77 0.65 -15.58
C GLY A 369 15.40 -0.34 -16.67
N ARG A 370 14.12 -0.34 -17.05
CA ARG A 370 13.61 -1.21 -18.11
C ARG A 370 14.38 -1.06 -19.43
N VAL A 371 14.70 0.19 -19.80
CA VAL A 371 15.41 0.48 -21.06
C VAL A 371 16.92 0.67 -20.87
N LEU A 372 17.39 0.42 -19.65
CA LEU A 372 18.81 0.42 -19.35
C LEU A 372 19.20 -0.97 -18.90
N VAL A 373 19.34 -1.21 -17.60
CA VAL A 373 19.77 -2.56 -17.13
C VAL A 373 18.94 -3.79 -17.58
N GLU A 374 17.62 -3.69 -17.69
CA GLU A 374 16.82 -4.82 -18.15
C GLU A 374 17.11 -5.16 -19.61
N ARG A 375 17.20 -4.14 -20.46
CA ARG A 375 17.51 -4.29 -21.86
C ARG A 375 18.83 -5.03 -22.04
N ILE A 376 19.83 -4.49 -21.37
CA ILE A 376 21.20 -5.02 -21.38
C ILE A 376 21.37 -6.40 -20.80
N GLU A 377 20.79 -6.69 -19.65
CA GLU A 377 20.94 -8.04 -19.06
C GLU A 377 19.89 -9.05 -19.57
N GLY A 378 18.85 -8.54 -20.23
CA GLY A 378 17.75 -9.34 -20.72
C GLY A 378 16.79 -9.74 -19.61
N PHE A 379 16.49 -8.83 -18.69
CA PHE A 379 15.57 -9.16 -17.65
C PHE A 379 14.13 -9.03 -18.17
N CYS A 380 13.99 -8.46 -19.36
CA CYS A 380 12.71 -8.41 -20.06
C CYS A 380 13.00 -8.66 -21.56
N ALA A 381 11.97 -8.95 -22.35
CA ALA A 381 12.12 -9.24 -23.78
C ALA A 381 12.31 -7.93 -24.54
N PRO A 382 12.99 -7.99 -25.70
CA PRO A 382 13.02 -6.85 -26.62
C PRO A 382 11.69 -6.11 -26.85
N ALA A 383 10.60 -6.82 -27.08
CA ALA A 383 9.25 -6.20 -27.19
C ALA A 383 8.91 -5.34 -25.96
N ASP A 384 9.31 -5.82 -24.79
CA ASP A 384 8.98 -5.17 -23.51
C ASP A 384 9.72 -3.85 -23.37
N TRP A 385 11.02 -3.81 -23.67
CA TRP A 385 11.68 -2.50 -23.58
C TRP A 385 11.35 -1.57 -24.76
N LEU A 386 11.02 -2.09 -25.96
CA LEU A 386 10.72 -1.22 -27.11
C LEU A 386 9.44 -0.43 -26.90
N ARG A 387 8.49 -1.07 -26.26
CA ARG A 387 7.22 -0.42 -25.92
C ARG A 387 7.33 0.47 -24.69
N ALA A 388 8.37 0.30 -23.89
CA ALA A 388 8.57 1.08 -22.65
C ALA A 388 8.77 2.59 -22.84
N TYR A 389 9.42 2.98 -23.92
CA TYR A 389 9.68 4.39 -24.20
C TYR A 389 8.37 5.17 -24.27
N GLY A 390 7.44 4.68 -25.08
CA GLY A 390 6.11 5.33 -25.24
C GLY A 390 5.30 5.31 -23.98
N GLU A 391 5.28 4.17 -23.34
CA GLU A 391 4.74 4.02 -21.97
C GLU A 391 5.30 5.03 -20.96
N ILE A 392 6.62 5.21 -20.96
CA ILE A 392 7.27 6.13 -20.05
C ILE A 392 6.82 7.57 -20.31
N ASN A 393 6.77 7.93 -21.59
CA ASN A 393 6.36 9.24 -22.02
C ASN A 393 4.94 9.52 -21.66
N ASP A 394 4.08 8.49 -21.80
CA ASP A 394 2.66 8.67 -21.44
C ASP A 394 2.55 8.89 -19.90
N PHE A 395 3.29 8.08 -19.14
CA PHE A 395 3.42 8.24 -17.68
C PHE A 395 3.84 9.65 -17.27
N GLU A 396 4.93 10.12 -17.86
CA GLU A 396 5.48 11.43 -17.55
C GLU A 396 4.57 12.56 -17.94
N GLU A 397 3.82 12.35 -19.02
CA GLU A 397 2.80 13.31 -19.44
C GLU A 397 1.64 13.39 -18.49
N GLN A 398 1.18 12.23 -17.97
CA GLN A 398 0.15 12.18 -16.93
C GLN A 398 0.61 13.02 -15.72
N LEU A 399 1.87 12.86 -15.30
CA LEU A 399 2.40 13.57 -14.16
C LEU A 399 2.43 15.10 -14.47
N SER A 400 3.01 15.48 -15.60
CA SER A 400 3.08 16.89 -16.03
CA SER A 400 3.07 16.91 -15.99
C SER A 400 1.71 17.57 -16.04
N GLU A 401 0.74 16.87 -16.61
CA GLU A 401 -0.62 17.38 -16.77
C GLU A 401 -1.27 17.71 -15.44
N TYR A 402 -0.92 16.97 -14.40
CA TYR A 402 -1.44 17.23 -13.08
C TYR A 402 -0.65 18.36 -12.38
N GLY A 403 0.47 18.79 -12.95
CA GLY A 403 1.29 19.92 -12.37
C GLY A 403 2.57 19.43 -11.68
N ILE A 404 2.91 18.16 -11.84
CA ILE A 404 4.14 17.62 -11.30
C ILE A 404 5.27 18.07 -12.20
N ILE A 405 6.30 18.62 -11.55
CA ILE A 405 7.53 19.04 -12.19
C ILE A 405 8.50 17.88 -12.28
N VAL A 406 8.81 17.45 -13.48
CA VAL A 406 9.64 16.29 -13.69
C VAL A 406 11.05 16.68 -14.23
N VAL A 407 12.08 16.34 -13.45
CA VAL A 407 13.46 16.61 -13.83
C VAL A 407 14.21 15.27 -13.90
N LYS A 408 15.01 15.05 -14.95
CA LYS A 408 15.69 13.77 -15.19
C LYS A 408 17.18 13.94 -15.48
N PHE A 409 18.04 13.26 -14.71
CA PHE A 409 19.47 13.43 -14.82
C PHE A 409 20.16 12.13 -15.26
N TRP A 410 21.03 12.22 -16.25
CA TRP A 410 21.95 11.18 -16.57
C TRP A 410 23.30 11.72 -16.24
N LEU A 411 23.90 11.17 -15.19
CA LEU A 411 25.24 11.59 -14.79
C LEU A 411 26.25 10.78 -15.60
N ALA A 412 27.02 11.49 -16.42
CA ALA A 412 27.94 10.86 -17.35
C ALA A 412 29.38 11.01 -16.84
N ILE A 413 30.12 9.89 -16.81
CA ILE A 413 31.55 9.92 -16.54
C ILE A 413 32.22 9.05 -17.61
N ASP A 414 33.55 9.21 -17.78
CA ASP A 414 34.25 8.33 -18.72
C ASP A 414 34.79 7.09 -18.02
N LYS A 415 35.30 6.14 -18.81
CA LYS A 415 35.73 4.82 -18.30
C LYS A 415 36.89 4.96 -17.34
N GLN A 416 37.75 5.92 -17.69
CA GLN A 416 38.97 6.23 -16.99
C GLN A 416 38.66 6.80 -15.60
N THR A 417 37.71 7.74 -15.54
CA THR A 417 37.23 8.30 -14.25
C THR A 417 36.46 7.28 -13.40
N GLN A 418 35.68 6.43 -14.04
CA GLN A 418 35.04 5.36 -13.31
C GLN A 418 36.07 4.57 -12.55
N GLU A 420 39.18 5.23 -11.56
CA GLU A 420 39.74 6.04 -10.48
C GLU A 420 38.82 5.98 -9.29
N ARG A 421 37.53 6.08 -9.55
CA ARG A 421 36.57 6.08 -8.47
C ARG A 421 36.42 4.67 -7.87
N PHE A 422 36.57 3.63 -8.70
CA PHE A 422 36.50 2.24 -8.22
C PHE A 422 37.69 1.92 -7.35
N LYS A 423 38.84 2.49 -7.67
CA LYS A 423 40.03 2.33 -6.83
C LYS A 423 39.91 3.17 -5.55
N GLU A 424 39.47 4.42 -5.64
CA GLU A 424 39.34 5.27 -4.43
C GLU A 424 38.38 4.64 -3.41
N ARG A 425 37.28 4.08 -3.89
CA ARG A 425 36.32 3.38 -3.02
C ARG A 425 37.00 2.28 -2.19
N GLU A 426 37.73 1.40 -2.87
CA GLU A 426 38.34 0.26 -2.22
C GLU A 426 39.61 0.62 -1.44
N LYS A 427 40.32 1.67 -1.88
CA LYS A 427 41.44 2.24 -1.11
C LYS A 427 41.04 2.54 0.35
N THR A 428 39.82 3.06 0.52
CA THR A 428 39.26 3.39 1.84
C THR A 428 38.85 2.13 2.62
N PRO A 429 39.12 2.10 3.94
CA PRO A 429 38.66 0.97 4.77
C PRO A 429 37.12 0.75 4.83
N TYR A 430 36.34 1.80 4.55
CA TYR A 430 34.89 1.75 4.73
C TYR A 430 34.19 0.80 3.76
N LYS A 431 33.53 -0.23 4.34
CA LYS A 431 32.98 -1.35 3.59
C LYS A 431 31.63 -1.11 2.91
N ARG A 432 31.06 0.09 3.06
CA ARG A 432 29.90 0.49 2.24
C ARG A 432 30.32 0.78 0.78
N TYR A 433 31.62 1.08 0.60
CA TYR A 433 32.19 1.42 -0.73
C TYR A 433 32.65 0.21 -1.56
N LYS A 434 33.11 -0.86 -0.90
CA LYS A 434 33.78 -1.99 -1.59
C LYS A 434 33.08 -2.33 -2.93
N ILE A 435 33.83 -2.22 -4.04
CA ILE A 435 33.27 -2.39 -5.40
C ILE A 435 32.94 -3.85 -5.71
N THR A 436 31.66 -4.12 -5.91
CA THR A 436 31.10 -5.48 -5.82
C THR A 436 31.46 -6.37 -7.02
N GLU A 437 31.08 -7.64 -6.93
CA GLU A 437 31.37 -8.65 -7.97
C GLU A 437 30.78 -8.28 -9.35
N GLU A 438 29.61 -7.62 -9.34
CA GLU A 438 28.83 -7.36 -10.55
C GLU A 438 29.26 -6.15 -11.39
N ASP A 439 29.66 -5.05 -10.74
CA ASP A 439 29.95 -3.81 -11.49
C ASP A 439 31.38 -3.74 -12.06
N TRP A 440 32.15 -4.82 -11.91
CA TRP A 440 33.31 -5.10 -12.77
C TRP A 440 32.88 -5.77 -14.09
N ARG A 441 31.78 -6.51 -14.05
CA ARG A 441 31.16 -7.06 -15.26
C ARG A 441 30.45 -5.97 -16.07
N ASN A 442 29.60 -5.15 -15.43
CA ASN A 442 28.91 -4.02 -16.10
C ASN A 442 29.85 -3.04 -16.82
N ARG A 443 31.07 -2.92 -16.31
CA ARG A 443 32.10 -2.06 -16.88
C ARG A 443 32.58 -2.61 -18.25
N ASP A 444 32.57 -3.94 -18.41
CA ASP A 444 32.86 -4.59 -19.70
C ASP A 444 31.63 -4.59 -20.65
N LYS A 445 30.53 -3.99 -20.19
CA LYS A 445 29.31 -3.80 -20.99
CA LYS A 445 29.31 -3.81 -20.97
C LYS A 445 29.10 -2.32 -21.31
N TRP A 446 30.16 -1.52 -21.19
CA TRP A 446 30.11 -0.05 -21.37
C TRP A 446 29.45 0.54 -22.64
N ASP A 447 29.81 0.04 -23.82
CA ASP A 447 29.25 0.55 -25.06
C ASP A 447 27.77 0.16 -25.24
N GLN A 448 27.31 -0.89 -24.52
CA GLN A 448 25.87 -1.24 -24.46
C GLN A 448 25.09 -0.18 -23.70
N TYR A 449 25.69 0.42 -22.67
CA TYR A 449 25.00 1.51 -21.98
C TYR A 449 25.01 2.78 -22.81
N VAL A 450 26.05 2.99 -23.60
CA VAL A 450 26.14 4.18 -24.45
C VAL A 450 25.00 4.12 -25.48
N ASP A 451 24.87 2.97 -26.14
CA ASP A 451 23.81 2.79 -27.14
C ASP A 451 22.44 2.95 -26.50
N ALA A 452 22.27 2.38 -25.33
CA ALA A 452 21.00 2.43 -24.61
C ALA A 452 20.62 3.80 -24.02
N VAL A 453 21.61 4.50 -23.48
CA VAL A 453 21.39 5.89 -22.99
C VAL A 453 21.05 6.79 -24.17
N GLY A 454 21.76 6.62 -25.28
CA GLY A 454 21.45 7.34 -26.50
C GLY A 454 20.02 7.18 -26.98
N ASP A 455 19.54 5.94 -27.03
CA ASP A 455 18.17 5.67 -27.44
C ASP A 455 17.17 6.23 -26.49
N VAL A 457 17.48 8.82 -24.41
CA VAL A 457 17.43 10.27 -24.60
C VAL A 457 16.72 10.68 -25.91
N ASP A 458 17.07 10.06 -27.03
CA ASP A 458 16.32 10.28 -28.24
C ASP A 458 14.81 10.06 -28.13
N ARG A 459 14.39 8.96 -27.48
CA ARG A 459 12.99 8.57 -27.52
CA ARG A 459 12.99 8.54 -27.50
C ARG A 459 12.16 9.17 -26.37
N THR A 460 12.81 9.61 -25.28
CA THR A 460 12.07 10.09 -24.08
C THR A 460 12.53 11.46 -23.59
N SER A 461 13.41 12.12 -24.30
CA SER A 461 13.70 13.52 -23.95
C SER A 461 12.71 14.41 -24.67
N THR A 462 11.61 14.73 -24.00
CA THR A 462 10.45 15.34 -24.63
C THR A 462 10.41 16.80 -24.21
N GLU A 463 9.57 17.60 -24.86
CA GLU A 463 9.29 18.96 -24.43
C GLU A 463 8.76 19.04 -23.00
N ILE A 464 7.90 18.10 -22.65
CA ILE A 464 7.30 17.97 -21.32
C ILE A 464 8.31 17.55 -20.25
N ALA A 465 9.17 16.60 -20.56
CA ALA A 465 10.20 16.11 -19.66
C ALA A 465 11.52 15.90 -20.37
N PRO A 466 12.35 16.97 -20.52
CA PRO A 466 13.67 16.76 -21.12
C PRO A 466 14.66 16.00 -20.23
N TRP A 467 15.53 15.22 -20.87
CA TRP A 467 16.70 14.69 -20.19
C TRP A 467 17.81 15.74 -20.05
N THR A 468 18.45 15.79 -18.87
CA THR A 468 19.63 16.63 -18.63
C THR A 468 20.80 15.72 -18.47
N LEU A 469 21.76 15.87 -19.38
CA LEU A 469 22.97 15.12 -19.31
C LEU A 469 23.95 15.93 -18.42
N VAL A 470 24.38 15.33 -17.31
CA VAL A 470 25.28 15.99 -16.39
C VAL A 470 26.71 15.47 -16.62
N GLU A 471 27.60 16.36 -16.98
CA GLU A 471 29.05 16.05 -17.15
C GLU A 471 29.58 15.85 -15.73
N ALA A 472 29.85 14.61 -15.36
CA ALA A 472 29.97 14.26 -13.93
C ALA A 472 31.36 13.84 -13.48
N ASN A 473 32.34 13.91 -14.37
CA ASN A 473 33.73 13.63 -14.00
C ASN A 473 34.23 14.48 -12.81
N ASP A 474 33.76 15.73 -12.73
CA ASP A 474 34.03 16.67 -11.64
C ASP A 474 32.77 16.76 -10.81
N LYS A 475 32.84 16.19 -9.61
CA LYS A 475 31.70 16.19 -8.67
C LYS A 475 31.13 17.58 -8.41
N ARG A 476 32.00 18.58 -8.34
CA ARG A 476 31.59 19.92 -7.95
C ARG A 476 30.69 20.52 -9.02
N PHE A 477 31.11 20.37 -10.28
CA PHE A 477 30.36 20.89 -11.45
C PHE A 477 29.03 20.17 -11.52
N ALA A 478 29.09 18.84 -11.45
CA ALA A 478 27.91 17.96 -11.43
C ALA A 478 26.88 18.38 -10.37
N ARG A 479 27.33 18.55 -9.13
CA ARG A 479 26.40 18.93 -8.06
C ARG A 479 25.64 20.24 -8.31
N VAL A 480 26.36 21.27 -8.73
CA VAL A 480 25.77 22.58 -8.95
C VAL A 480 24.82 22.55 -10.13
N LYS A 481 25.19 21.85 -11.19
CA LYS A 481 24.33 21.68 -12.35
C LYS A 481 22.98 20.98 -12.01
N VAL A 482 23.04 19.98 -11.14
CA VAL A 482 21.83 19.26 -10.70
C VAL A 482 20.90 20.23 -9.97
N LEU A 483 21.47 20.96 -9.01
CA LEU A 483 20.68 21.92 -8.25
C LEU A 483 20.15 23.00 -9.20
N ARG A 484 21.01 23.57 -10.03
CA ARG A 484 20.55 24.65 -10.92
C ARG A 484 19.40 24.24 -11.85
N THR A 485 19.47 23.02 -12.35
CA THR A 485 18.44 22.47 -13.22
C THR A 485 17.10 22.32 -12.51
N ILE A 486 17.12 21.72 -11.33
CA ILE A 486 15.93 21.64 -10.52
C ILE A 486 15.31 23.03 -10.37
N ASN A 487 16.10 24.00 -9.92
CA ASN A 487 15.67 25.36 -9.71
C ASN A 487 15.14 26.01 -10.99
N ASP A 488 15.87 25.86 -12.11
CA ASP A 488 15.37 26.39 -13.42
C ASP A 488 13.98 25.77 -13.75
N ALA A 489 13.82 24.47 -13.49
CA ALA A 489 12.56 23.77 -13.79
C ALA A 489 11.36 24.26 -12.95
N ILE A 490 11.57 24.48 -11.66
CA ILE A 490 10.52 25.06 -10.77
C ILE A 490 10.18 26.49 -11.19
N GLU A 491 11.18 27.36 -11.38
CA GLU A 491 10.89 28.71 -11.85
C GLU A 491 10.08 28.71 -13.17
N ALA A 492 10.44 27.82 -14.09
CA ALA A 492 9.78 27.71 -15.37
C ALA A 492 8.30 27.39 -15.23
N ALA A 493 8.02 26.39 -14.40
CA ALA A 493 6.68 25.99 -14.00
C ALA A 493 5.89 27.18 -13.48
N TYR A 494 6.47 27.96 -12.56
CA TYR A 494 5.75 29.14 -12.05
C TYR A 494 5.41 30.17 -13.14
N LYS A 495 6.31 30.29 -14.10
CA LYS A 495 6.14 31.24 -15.21
C LYS A 495 5.03 30.79 -16.15
N LYS A 496 4.74 29.48 -16.15
CA LYS A 496 3.67 28.90 -16.94
C LYS A 496 2.31 29.01 -16.23
N ASP A 497 2.32 28.95 -14.93
CA ASP A 497 1.10 29.10 -14.18
C ASP A 497 0.54 30.49 -14.33
N LYS A 498 -0.77 30.58 -14.14
CA LYS A 498 -1.41 31.84 -13.92
C LYS A 498 -0.86 32.34 -12.62
N PHE B 4 13.45 16.25 35.10
CA PHE B 4 14.00 17.03 33.98
C PHE B 4 15.21 17.88 34.33
N GLU B 5 15.42 18.09 35.62
CA GLU B 5 16.48 18.98 36.11
C GLU B 5 17.92 18.49 35.79
N SER B 6 18.13 17.17 35.67
CA SER B 6 19.38 16.61 35.10
C SER B 6 19.83 17.31 33.80
N ALA B 7 18.88 17.41 32.86
CA ALA B 7 19.06 18.10 31.57
C ALA B 7 18.69 19.58 31.64
N GLU B 8 18.89 20.18 32.80
CA GLU B 8 18.80 21.64 32.96
C GLU B 8 20.11 22.20 33.53
N VAL B 9 21.16 21.35 33.55
CA VAL B 9 22.43 21.67 34.23
C VAL B 9 23.45 22.36 33.30
N GLY B 10 23.00 22.72 32.08
CA GLY B 10 23.78 23.58 31.19
C GLY B 10 24.67 22.87 30.17
N HIS B 11 24.40 21.56 29.96
CA HIS B 11 25.19 20.67 29.04
C HIS B 11 25.71 21.35 27.76
N SER B 12 27.00 21.16 27.47
CA SER B 12 27.69 21.92 26.43
C SER B 12 28.92 21.17 25.93
N ILE B 13 29.30 21.43 24.67
CA ILE B 13 30.48 20.83 24.01
C ILE B 13 31.14 21.93 23.14
N ASP B 14 32.45 22.17 23.34
CA ASP B 14 33.17 23.19 22.56
C ASP B 14 33.37 22.74 21.12
N LYS B 15 33.63 23.72 20.26
CA LYS B 15 33.78 23.50 18.82
C LYS B 15 34.83 22.48 18.42
N ASP B 16 36.08 22.67 18.90
CA ASP B 16 37.17 21.79 18.50
C ASP B 16 36.84 20.32 18.83
N THR B 17 36.41 20.07 20.06
CA THR B 17 36.05 18.70 20.50
C THR B 17 34.97 18.11 19.64
N TYR B 18 33.98 18.93 19.32
CA TYR B 18 32.77 18.50 18.58
C TYR B 18 33.11 18.14 17.14
N GLU B 19 33.96 18.98 16.52
CA GLU B 19 34.28 18.84 15.09
C GLU B 19 35.16 17.60 14.83
N LYS B 20 36.14 17.36 15.69
CA LYS B 20 36.87 16.09 15.68
C LYS B 20 35.93 14.88 15.91
N ALA B 21 35.01 14.99 16.88
CA ALA B 21 34.05 13.90 17.20
C ALA B 21 33.26 13.54 16.00
N VAL B 22 32.85 14.58 15.25
CA VAL B 22 31.85 14.42 14.23
C VAL B 22 32.44 13.69 13.04
N ILE B 23 33.70 13.94 12.74
CA ILE B 23 34.35 13.29 11.58
C ILE B 23 34.25 11.78 11.71
N GLU B 24 34.60 11.27 12.89
CA GLU B 24 34.55 9.85 13.16
C GLU B 24 33.10 9.33 13.34
N LEU B 25 32.23 10.14 13.98
CA LEU B 25 30.83 9.75 14.24
C LEU B 25 30.05 9.52 12.93
N ARG B 26 30.13 10.48 12.00
CA ARG B 26 29.42 10.36 10.76
C ARG B 26 29.89 9.17 9.88
N GLU B 27 31.18 8.89 9.86
CA GLU B 27 31.67 7.70 9.17
C GLU B 27 31.19 6.41 9.82
N ALA B 28 31.24 6.38 11.16
CA ALA B 28 30.73 5.24 11.92
C ALA B 28 29.18 5.02 11.77
N LEU B 29 28.38 6.09 11.70
CA LEU B 29 26.97 5.96 11.39
C LEU B 29 26.72 5.46 9.96
N LEU B 30 27.46 5.94 8.99
CA LEU B 30 27.26 5.53 7.62
C LEU B 30 27.53 4.04 7.52
N GLU B 31 28.58 3.59 8.20
CA GLU B 31 28.92 2.17 8.18
C GLU B 31 27.89 1.23 8.80
N ALA B 32 27.38 1.64 9.95
CA ALA B 32 26.33 0.97 10.69
C ALA B 32 25.01 0.96 9.91
N GLN B 33 24.69 2.10 9.28
CA GLN B 33 23.51 2.26 8.49
C GLN B 33 23.56 1.29 7.32
N PHE B 34 24.74 1.18 6.73
CA PHE B 34 24.94 0.25 5.63
C PHE B 34 24.88 -1.23 6.04
N GLU B 35 25.38 -1.53 7.24
CA GLU B 35 25.29 -2.88 7.80
C GLU B 35 23.84 -3.20 8.18
N LEU B 36 23.11 -2.18 8.64
CA LEU B 36 21.67 -2.32 8.86
C LEU B 36 20.91 -2.74 7.55
N LYS B 37 21.15 -2.02 6.45
CA LYS B 37 20.65 -2.37 5.13
C LYS B 37 21.05 -3.78 4.73
N GLN B 38 22.34 -4.11 4.88
CA GLN B 38 22.79 -5.43 4.43
C GLN B 38 22.19 -6.59 5.26
N GLN B 39 22.05 -6.40 6.57
CA GLN B 39 21.46 -7.45 7.41
C GLN B 39 19.97 -7.66 7.13
N ALA B 40 19.26 -6.56 6.92
CA ALA B 40 17.84 -6.57 6.54
C ALA B 40 17.06 -7.33 7.63
N ARG B 41 17.44 -7.10 8.87
CA ARG B 41 17.05 -7.97 9.96
C ARG B 41 16.08 -7.32 10.91
N PHE B 42 16.18 -6.01 11.04
CA PHE B 42 15.28 -5.26 11.91
C PHE B 42 15.18 -3.81 11.47
N PRO B 43 14.05 -3.13 11.79
CA PRO B 43 13.89 -1.72 11.49
C PRO B 43 14.46 -0.85 12.65
N VAL B 44 14.76 0.42 12.34
CA VAL B 44 15.10 1.43 13.36
C VAL B 44 13.99 2.49 13.35
N ILE B 45 13.42 2.74 14.52
CA ILE B 45 12.39 3.78 14.73
C ILE B 45 12.92 4.82 15.71
N ILE B 46 12.91 6.08 15.29
CA ILE B 46 13.36 7.20 16.14
C ILE B 46 12.16 8.11 16.32
N LEU B 47 11.71 8.21 17.57
CA LEU B 47 10.73 9.21 17.97
C LEU B 47 11.39 10.52 18.41
N ILE B 48 10.88 11.62 17.87
CA ILE B 48 11.44 12.94 18.08
C ILE B 48 10.32 13.71 18.77
N ASN B 49 10.52 14.02 20.05
CA ASN B 49 9.60 14.82 20.84
C ASN B 49 10.28 15.88 21.72
N GLY B 50 9.46 16.67 22.40
CA GLY B 50 9.94 17.61 23.38
C GLY B 50 9.52 19.04 23.08
N ILE B 51 10.25 19.97 23.69
CA ILE B 51 10.01 21.42 23.56
C ILE B 51 10.30 21.96 22.14
N GLU B 52 9.31 22.67 21.61
CA GLU B 52 9.49 23.45 20.38
C GLU B 52 10.62 24.51 20.61
N GLY B 53 11.61 24.50 19.70
CA GLY B 53 12.83 25.31 19.79
C GLY B 53 14.03 24.69 20.52
N ALA B 54 13.93 23.42 20.91
CA ALA B 54 15.00 22.72 21.62
C ALA B 54 15.86 21.89 20.65
N GLY B 55 15.71 22.14 19.36
CA GLY B 55 16.55 21.57 18.32
C GLY B 55 16.06 20.30 17.66
N LYS B 56 14.77 19.98 17.82
CA LYS B 56 14.17 18.78 17.18
C LYS B 56 14.43 18.72 15.69
N GLY B 57 13.94 19.71 14.94
CA GLY B 57 14.02 19.68 13.49
C GLY B 57 15.44 19.85 13.00
N GLU B 58 16.22 20.70 13.68
CA GLU B 58 17.61 20.99 13.28
C GLU B 58 18.44 19.74 13.43
N THR B 59 18.21 19.00 14.52
CA THR B 59 18.94 17.78 14.79
C THR B 59 18.58 16.70 13.77
N VAL B 60 17.30 16.52 13.44
CA VAL B 60 16.94 15.53 12.42
C VAL B 60 17.52 15.86 11.03
N LYS B 61 17.50 17.15 10.65
CA LYS B 61 18.19 17.60 9.44
C LYS B 61 19.66 17.22 9.44
N LEU B 62 20.34 17.51 10.55
CA LEU B 62 21.77 17.17 10.66
C LEU B 62 22.02 15.68 10.58
N LEU B 63 21.19 14.85 11.20
CA LEU B 63 21.35 13.40 11.05
C LEU B 63 21.23 12.94 9.58
N ASN B 64 20.35 13.58 8.82
CA ASN B 64 20.26 13.27 7.38
C ASN B 64 21.39 13.85 6.51
N GLU B 65 22.23 14.65 7.12
CA GLU B 65 23.43 15.11 6.45
C GLU B 65 24.60 14.20 6.81
N TRP B 66 24.61 13.70 8.06
CA TRP B 66 25.67 12.78 8.53
C TRP B 66 25.47 11.39 7.99
N ASP B 68 22.90 8.66 5.44
CA ASP B 68 22.45 8.63 4.07
C ASP B 68 20.91 8.71 4.05
N PRO B 69 20.37 9.84 3.57
CA PRO B 69 18.95 10.02 3.56
C PRO B 69 18.22 9.04 2.64
N ARG B 70 18.90 8.43 1.67
CA ARG B 70 18.27 7.41 0.84
C ARG B 70 17.76 6.20 1.65
N LEU B 71 18.18 6.05 2.91
CA LEU B 71 17.83 4.91 3.77
C LEU B 71 17.01 5.33 5.02
N ILE B 72 16.56 6.58 5.00
CA ILE B 72 15.79 7.15 6.09
C ILE B 72 14.56 7.80 5.52
N GLU B 73 13.44 7.58 6.20
CA GLU B 73 12.15 8.25 5.93
C GLU B 73 11.74 9.03 7.16
N VAL B 74 11.39 10.29 6.97
CA VAL B 74 11.00 11.15 8.08
C VAL B 74 9.54 11.44 7.93
N GLN B 75 8.75 11.20 8.97
CA GLN B 75 7.34 11.44 8.94
C GLN B 75 6.91 12.41 10.02
N SER B 76 5.91 13.20 9.68
CA SER B 76 5.10 13.81 10.72
C SER B 76 3.67 13.36 10.61
N PHE B 77 2.99 13.26 11.72
CA PHE B 77 1.60 12.93 11.72
C PHE B 77 0.80 14.14 12.21
N LEU B 78 1.13 15.33 11.73
CA LEU B 78 0.39 16.54 12.10
C LEU B 78 -1.05 16.49 11.58
N ARG B 79 -1.19 16.32 10.27
CA ARG B 79 -2.46 16.52 9.60
C ARG B 79 -2.94 15.19 9.02
N PRO B 80 -3.86 14.54 9.70
CA PRO B 80 -4.29 13.23 9.18
C PRO B 80 -5.16 13.35 7.91
N SER B 81 -5.05 12.38 7.00
CA SER B 81 -5.93 12.36 5.85
C SER B 81 -7.28 11.77 6.27
N ASP B 82 -8.30 11.89 5.42
CA ASP B 82 -9.58 11.21 5.66
C ASP B 82 -9.40 9.70 5.79
N GLU B 83 -8.46 9.15 5.04
CA GLU B 83 -8.18 7.74 5.12
C GLU B 83 -7.70 7.31 6.49
N GLU B 84 -6.76 8.05 7.01
CA GLU B 84 -6.28 7.90 8.37
C GLU B 84 -7.33 8.19 9.47
N LEU B 85 -8.13 9.23 9.28
CA LEU B 85 -9.14 9.63 10.27
C LEU B 85 -10.35 8.67 10.36
N GLU B 86 -10.66 8.01 9.25
CA GLU B 86 -11.83 7.10 9.16
C GLU B 86 -11.49 5.70 9.61
N ARG B 87 -10.27 5.50 10.12
CA ARG B 87 -9.79 4.27 10.71
C ARG B 87 -9.28 4.52 12.16
N PRO B 88 -9.10 3.43 12.95
CA PRO B 88 -8.52 3.57 14.28
C PRO B 88 -7.22 4.36 14.27
N PRO B 89 -7.00 5.16 15.33
CA PRO B 89 -5.84 6.04 15.43
C PRO B 89 -4.46 5.36 15.32
N GLN B 90 -4.34 4.12 15.74
CA GLN B 90 -3.08 3.43 15.55
C GLN B 90 -2.74 3.14 14.07
N TRP B 91 -3.75 3.00 13.24
CA TRP B 91 -3.59 2.57 11.84
C TRP B 91 -2.60 3.41 11.08
N ARG B 92 -2.66 4.72 11.26
CA ARG B 92 -1.75 5.62 10.56
C ARG B 92 -0.27 5.36 10.87
N PHE B 93 0.03 4.88 12.08
CA PHE B 93 1.43 4.64 12.42
C PHE B 93 1.89 3.35 11.76
N TRP B 94 1.03 2.31 11.80
CA TRP B 94 1.38 1.06 11.18
C TRP B 94 1.73 1.28 9.73
N ARG B 95 0.96 2.12 9.04
CA ARG B 95 1.11 2.36 7.63
C ARG B 95 2.50 2.87 7.27
N ARG B 96 3.09 3.64 8.19
CA ARG B 96 4.40 4.22 7.93
C ARG B 96 5.54 3.56 8.64
N LEU B 97 5.34 2.41 9.27
CA LEU B 97 6.50 1.71 9.84
C LEU B 97 7.59 1.35 8.81
N PRO B 98 8.86 1.60 9.17
CA PRO B 98 9.96 1.35 8.20
C PRO B 98 10.27 -0.12 8.12
N PRO B 99 10.56 -0.63 6.94
CA PRO B 99 10.84 -2.04 6.82
C PRO B 99 12.17 -2.42 7.47
N LYS B 100 12.34 -3.71 7.65
CA LYS B 100 13.59 -4.22 8.17
C LYS B 100 14.75 -3.65 7.30
N GLY B 101 15.85 -3.24 7.94
CA GLY B 101 17.00 -2.65 7.20
C GLY B 101 16.98 -1.15 6.95
N ARG B 102 15.87 -0.52 7.32
CA ARG B 102 15.67 0.92 7.11
C ARG B 102 15.32 1.61 8.43
N THR B 103 15.36 2.95 8.38
CA THR B 103 15.15 3.81 9.56
C THR B 103 13.96 4.70 9.25
N GLY B 104 13.06 4.85 10.24
CA GLY B 104 11.93 5.78 10.20
C GLY B 104 12.01 6.73 11.37
N ILE B 105 11.94 8.04 11.05
CA ILE B 105 11.95 9.10 12.09
C ILE B 105 10.58 9.71 12.13
N PHE B 106 9.97 9.65 13.30
CA PHE B 106 8.59 10.09 13.49
C PHE B 106 8.50 11.35 14.37
N PHE B 107 8.16 12.49 13.77
CA PHE B 107 7.77 13.68 14.54
C PHE B 107 6.30 13.44 14.75
N GLY B 108 5.69 14.14 15.68
CA GLY B 108 4.21 14.14 15.71
C GLY B 108 3.57 12.78 15.90
N ASN B 109 4.23 11.97 16.74
CA ASN B 109 3.85 10.57 16.92
C ASN B 109 2.75 10.44 18.01
N TRP B 110 2.61 9.25 18.56
CA TRP B 110 1.60 8.99 19.57
C TRP B 110 1.79 9.78 20.89
N TYR B 111 3.03 10.12 21.24
CA TYR B 111 3.29 10.93 22.45
C TYR B 111 2.82 12.37 22.31
N SER B 112 3.08 12.98 21.15
CA SER B 112 2.68 14.37 20.89
C SER B 112 1.15 14.48 20.92
N GLN B 113 0.48 13.53 20.29
CA GLN B 113 -0.97 13.46 20.30
C GLN B 113 -1.54 13.41 21.70
N LEU B 115 -0.03 14.06 24.61
CA LEU B 115 0.43 15.20 25.40
C LEU B 115 -0.36 16.47 25.12
N TYR B 116 -0.55 16.81 23.85
CA TYR B 116 -1.24 18.06 23.54
C TYR B 116 -2.73 17.90 23.79
N ALA B 117 -3.26 16.68 23.71
CA ALA B 117 -4.68 16.48 23.96
C ALA B 117 -4.98 16.70 25.44
N ARG B 118 -4.09 16.25 26.31
CA ARG B 118 -4.25 16.49 27.75
C ARG B 118 -4.02 17.96 28.12
N VAL B 119 -2.98 18.55 27.54
CA VAL B 119 -2.58 19.92 27.81
C VAL B 119 -3.59 20.90 27.27
N GLU B 120 -4.16 20.58 26.10
CA GLU B 120 -5.20 21.42 25.54
C GLU B 120 -6.56 21.12 26.19
N GLY B 121 -6.60 20.10 27.05
CA GLY B 121 -7.80 19.78 27.84
C GLY B 121 -8.87 18.94 27.15
N HIS B 122 -8.55 18.31 26.03
CA HIS B 122 -9.55 17.54 25.27
C HIS B 122 -9.69 16.10 25.78
N ILE B 123 -8.84 15.69 26.72
CA ILE B 123 -8.99 14.38 27.37
C ILE B 123 -8.60 14.46 28.85
N LYS B 124 -9.23 13.60 29.65
CA LYS B 124 -9.11 13.63 31.10
C LYS B 124 -7.89 12.85 31.54
N GLU B 125 -7.60 12.88 32.83
CA GLU B 125 -6.42 12.21 33.37
C GLU B 125 -6.46 10.72 33.06
N ALA B 126 -7.59 10.09 33.44
CA ALA B 126 -7.80 8.66 33.20
C ALA B 126 -7.46 8.26 31.75
N LYS B 127 -8.00 9.01 30.79
CA LYS B 127 -7.80 8.69 29.38
C LYS B 127 -6.32 8.84 28.94
N LEU B 128 -5.57 9.77 29.53
CA LEU B 128 -4.13 9.85 29.27
C LEU B 128 -3.42 8.59 29.80
N ASP B 129 -3.70 8.19 31.06
CA ASP B 129 -3.10 6.95 31.64
C ASP B 129 -3.29 5.73 30.72
N GLN B 130 -4.48 5.65 30.11
CA GLN B 130 -4.82 4.57 29.15
C GLN B 130 -3.90 4.65 27.92
N ALA B 131 -3.72 5.88 27.44
CA ALA B 131 -2.88 6.16 26.26
C ALA B 131 -1.40 5.87 26.55
N ILE B 132 -0.97 6.13 27.79
CA ILE B 132 0.39 5.79 28.22
C ILE B 132 0.61 4.26 28.21
N ASP B 133 -0.39 3.55 28.75
CA ASP B 133 -0.29 2.10 28.89
C ASP B 133 -0.46 1.42 27.51
N ALA B 134 -1.23 2.01 26.62
CA ALA B 134 -1.34 1.51 25.25
C ALA B 134 -0.02 1.65 24.49
N ALA B 135 0.65 2.79 24.65
CA ALA B 135 1.96 3.07 24.03
C ALA B 135 3.03 2.06 24.46
N GLU B 136 3.01 1.70 25.75
CA GLU B 136 3.98 0.77 26.30
C GLU B 136 3.77 -0.62 25.70
N ARG B 137 2.52 -1.06 25.62
CA ARG B 137 2.22 -2.36 25.01
C ARG B 137 2.56 -2.36 23.50
N PHE B 138 2.27 -1.26 22.83
CA PHE B 138 2.61 -1.10 21.40
C PHE B 138 4.10 -1.19 21.19
N GLU B 139 4.88 -0.39 21.92
CA GLU B 139 6.34 -0.39 21.83
C GLU B 139 6.96 -1.71 22.27
N ARG B 140 6.43 -2.33 23.31
CA ARG B 140 6.96 -3.65 23.72
C ARG B 140 6.85 -4.68 22.58
N LEU B 142 6.55 -3.91 19.26
CA LEU B 142 7.46 -3.51 18.18
C LEU B 142 8.86 -4.00 18.48
N CYS B 143 9.29 -3.84 19.73
CA CYS B 143 10.59 -4.30 20.20
C CYS B 143 10.70 -5.79 20.29
N ASP B 144 9.61 -6.44 20.71
CA ASP B 144 9.58 -7.89 20.75
C ASP B 144 9.71 -8.42 19.36
N GLU B 145 9.15 -7.68 18.41
CA GLU B 145 9.22 -8.07 17.00
C GLU B 145 10.60 -7.81 16.37
N GLY B 146 11.46 -7.04 17.03
CA GLY B 146 12.85 -6.85 16.58
C GLY B 146 13.24 -5.39 16.40
N ALA B 147 12.28 -4.46 16.52
CA ALA B 147 12.57 -3.06 16.29
C ALA B 147 13.63 -2.59 17.24
N LEU B 148 14.53 -1.77 16.70
CA LEU B 148 15.40 -0.92 17.53
C LEU B 148 14.71 0.45 17.66
N LEU B 149 14.26 0.78 18.85
CA LEU B 149 13.41 1.98 19.13
C LEU B 149 14.18 3.01 19.99
N PHE B 150 14.26 4.25 19.53
CA PHE B 150 14.96 5.33 20.22
C PHE B 150 13.90 6.39 20.43
N LYS B 151 13.85 6.93 21.64
CA LYS B 151 12.97 8.03 21.92
C LYS B 151 13.81 9.12 22.51
N PHE B 152 13.81 10.25 21.80
CA PHE B 152 14.49 11.46 22.21
C PHE B 152 13.50 12.55 22.62
N TRP B 153 13.65 13.03 23.84
CA TRP B 153 13.03 14.28 24.29
C TRP B 153 13.99 15.47 24.33
N PHE B 154 13.74 16.46 23.50
CA PHE B 154 14.62 17.65 23.39
C PHE B 154 14.10 18.67 24.35
N HIS B 155 14.98 19.12 25.24
CA HIS B 155 14.55 19.89 26.37
C HIS B 155 15.17 21.28 26.42
N LEU B 156 14.34 22.26 26.75
CA LEU B 156 14.79 23.52 27.32
C LEU B 156 14.10 23.65 28.67
N SER B 157 14.72 24.39 29.59
CA SER B 157 14.05 24.76 30.85
C SER B 157 13.11 25.94 30.57
N LYS B 158 12.22 26.22 31.51
CA LYS B 158 11.31 27.36 31.39
C LYS B 158 12.11 28.63 31.10
N LYS B 159 13.16 28.85 31.90
CA LYS B 159 14.03 30.02 31.75
C LYS B 159 14.91 29.99 30.50
N GLN B 160 15.38 28.81 30.07
CA GLN B 160 16.15 28.71 28.83
C GLN B 160 15.26 29.01 27.61
N LEU B 161 14.00 28.59 27.69
CA LEU B 161 13.06 28.75 26.58
C LEU B 161 12.76 30.21 26.32
N LYS B 162 12.50 30.94 27.42
CA LYS B 162 12.17 32.37 27.37
C LYS B 162 13.25 33.18 26.66
N GLU B 163 14.50 32.78 26.89
CA GLU B 163 15.67 33.52 26.39
C GLU B 163 15.91 33.38 24.88
N ARG B 164 15.21 32.44 24.22
CA ARG B 164 15.11 32.42 22.75
C ARG B 164 14.16 33.54 22.25
N LEU B 165 14.50 34.79 22.58
CA LEU B 165 13.74 35.98 22.19
C LEU B 165 12.23 35.88 22.42
N VAL B 188 1.74 27.49 28.61
CA VAL B 188 1.48 26.10 28.23
C VAL B 188 2.62 25.17 28.64
N TYR B 189 3.83 25.73 28.71
CA TYR B 189 5.06 25.01 29.08
C TYR B 189 4.90 24.20 30.37
N ASP B 190 4.32 24.82 31.38
CA ASP B 190 4.31 24.23 32.71
C ASP B 190 3.52 22.93 32.71
N ARG B 191 2.27 22.97 32.27
CA ARG B 191 1.49 21.74 32.25
C ARG B 191 2.00 20.77 31.17
N PHE B 192 2.66 21.29 30.13
CA PHE B 192 3.26 20.44 29.12
C PHE B 192 4.40 19.59 29.69
N VAL B 193 5.26 20.18 30.51
CA VAL B 193 6.35 19.43 31.15
C VAL B 193 5.85 18.59 32.35
N HIS B 194 4.80 19.07 33.01
CA HIS B 194 4.13 18.32 34.09
C HIS B 194 3.60 16.98 33.58
N TYR B 195 2.80 17.03 32.52
CA TYR B 195 2.26 15.81 31.91
C TYR B 195 3.35 15.01 31.17
N GLY B 196 4.27 15.71 30.51
CA GLY B 196 5.42 15.08 29.85
C GLY B 196 6.22 14.18 30.77
N GLU B 197 6.57 14.70 31.95
CA GLU B 197 7.23 13.96 33.03
C GLU B 197 6.53 12.63 33.41
N ARG B 198 5.19 12.64 33.44
CA ARG B 198 4.41 11.45 33.83
C ARG B 198 4.54 10.39 32.78
N VAL B 199 4.41 10.82 31.51
CA VAL B 199 4.48 9.93 30.36
C VAL B 199 5.86 9.31 30.27
N LEU B 200 6.89 10.17 30.34
CA LEU B 200 8.26 9.70 30.24
C LEU B 200 8.59 8.72 31.38
N ARG B 201 8.19 9.05 32.59
CA ARG B 201 8.36 8.12 33.72
C ARG B 201 7.78 6.71 33.44
N ARG B 202 6.61 6.67 32.78
CA ARG B 202 5.83 5.44 32.69
C ARG B 202 6.07 4.69 31.38
N THR B 203 6.86 5.26 30.49
CA THR B 203 7.18 4.64 29.20
C THR B 203 8.71 4.51 28.94
N SER B 204 9.53 4.86 29.93
CA SER B 204 10.96 4.65 29.80
C SER B 204 11.26 3.26 30.36
N ARG B 205 11.67 2.38 29.44
CA ARG B 205 11.85 0.98 29.72
C ARG B 205 13.24 0.58 29.25
N ASP B 206 13.80 -0.45 29.85
CA ASP B 206 15.16 -0.88 29.53
C ASP B 206 15.29 -1.23 28.06
N TYR B 207 14.23 -1.79 27.48
CA TYR B 207 14.15 -2.21 26.07
C TYR B 207 13.92 -1.00 25.12
N ALA B 208 13.38 0.10 25.68
CA ALA B 208 13.08 1.31 24.90
C ALA B 208 13.09 2.56 25.80
N PRO B 209 14.31 3.04 26.15
CA PRO B 209 14.41 4.15 27.11
C PRO B 209 14.10 5.47 26.46
N TRP B 210 13.65 6.43 27.24
CA TRP B 210 13.65 7.82 26.83
C TRP B 210 15.05 8.46 27.14
N TYR B 211 15.57 9.17 26.15
CA TYR B 211 16.79 9.92 26.29
C TYR B 211 16.39 11.36 26.32
N VAL B 212 16.45 11.96 27.51
CA VAL B 212 16.24 13.40 27.67
C VAL B 212 17.58 14.12 27.33
N VAL B 213 17.57 14.90 26.24
CA VAL B 213 18.76 15.57 25.72
C VAL B 213 18.55 17.08 25.84
N GLU B 214 19.42 17.75 26.60
CA GLU B 214 19.23 19.15 26.78
C GLU B 214 19.57 19.84 25.48
N GLY B 215 18.63 20.64 24.96
CA GLY B 215 18.79 21.29 23.67
C GLY B 215 19.34 22.71 23.62
N ALA B 216 19.87 23.19 24.75
CA ALA B 216 20.32 24.56 24.91
C ALA B 216 21.51 24.85 23.98
N ASP B 217 22.34 23.82 23.79
CA ASP B 217 23.62 23.95 23.07
C ASP B 217 23.53 23.04 21.90
N GLU B 218 23.75 23.57 20.70
CA GLU B 218 23.38 22.80 19.54
C GLU B 218 24.44 21.73 19.18
N ARG B 219 25.67 21.96 19.60
CA ARG B 219 26.73 20.97 19.43
C ARG B 219 26.49 19.77 20.32
N TYR B 220 26.22 20.04 21.61
CA TYR B 220 25.88 18.99 22.56
C TYR B 220 24.67 18.16 22.11
N ARG B 221 23.59 18.82 21.65
CA ARG B 221 22.32 18.12 21.42
C ARG B 221 22.44 17.21 20.23
N ALA B 222 23.12 17.66 19.20
CA ALA B 222 23.34 16.87 17.99
C ALA B 222 24.34 15.72 18.24
N LEU B 223 25.50 16.01 18.82
CA LEU B 223 26.50 14.96 19.09
C LEU B 223 25.93 13.89 20.04
N THR B 224 25.16 14.33 21.04
CA THR B 224 24.63 13.39 22.03
C THR B 224 23.65 12.41 21.39
N VAL B 225 22.70 12.91 20.61
CA VAL B 225 21.80 12.07 19.82
C VAL B 225 22.55 11.15 18.83
N GLY B 226 23.52 11.70 18.11
CA GLY B 226 24.36 10.94 17.21
C GLY B 226 24.97 9.73 17.90
N ARG B 227 25.57 9.97 19.06
CA ARG B 227 26.29 8.97 19.81
C ARG B 227 25.42 7.90 20.37
N ILE B 228 24.27 8.29 20.92
CA ILE B 228 23.26 7.34 21.38
C ILE B 228 22.73 6.44 20.26
N LEU B 229 22.44 7.05 19.12
CA LEU B 229 22.10 6.30 17.93
C LEU B 229 23.18 5.29 17.55
N LEU B 230 24.42 5.77 17.44
CA LEU B 230 25.52 4.88 17.02
C LEU B 230 25.73 3.70 17.97
N GLU B 231 25.74 4.00 19.26
CA GLU B 231 25.91 2.98 20.29
C GLU B 231 24.84 1.93 20.19
N GLY B 232 23.58 2.37 20.19
CA GLY B 232 22.44 1.46 20.18
C GLY B 232 22.41 0.67 18.90
N LEU B 233 22.75 1.29 17.79
CA LEU B 233 22.83 0.61 16.52
C LEU B 233 23.93 -0.45 16.43
N GLN B 234 25.15 -0.11 16.79
CA GLN B 234 26.27 -1.06 16.76
C GLN B 234 25.98 -2.26 17.63
N ALA B 235 25.42 -1.98 18.81
CA ALA B 235 25.04 -3.01 19.74
C ALA B 235 23.98 -3.93 19.13
N ALA B 236 22.92 -3.36 18.53
CA ALA B 236 21.86 -4.21 17.94
C ALA B 236 22.38 -5.06 16.78
N LEU B 237 23.31 -4.52 15.97
CA LEU B 237 23.86 -5.23 14.81
C LEU B 237 24.74 -6.43 15.20
N ALA B 238 25.32 -6.37 16.40
CA ALA B 238 26.24 -7.41 16.88
C ALA B 238 25.51 -8.55 17.60
N THR B 239 24.33 -8.94 17.15
CA THR B 239 23.51 -9.91 17.89
C THR B 239 22.91 -11.02 17.03
N LYS B 240 22.71 -12.18 17.66
CA LYS B 240 21.98 -13.31 17.08
C LYS B 240 20.54 -13.25 17.57
N ASP B 257 -2.85 -30.76 27.47
CA ASP B 257 -4.23 -30.88 27.00
C ASP B 257 -5.11 -29.67 27.33
N ASN B 258 -5.83 -29.20 26.31
CA ASN B 258 -6.89 -28.23 26.49
C ASN B 258 -8.06 -28.57 25.53
N ARG B 259 -8.71 -29.71 25.77
CA ARG B 259 -9.84 -30.18 24.93
C ARG B 259 -11.27 -29.79 25.43
N GLY B 260 -11.38 -29.40 26.71
CA GLY B 260 -12.68 -29.12 27.34
C GLY B 260 -13.70 -28.43 26.47
N LEU B 261 -13.29 -27.30 25.92
CA LEU B 261 -14.15 -26.45 25.08
C LEU B 261 -14.74 -27.23 23.90
N LEU B 262 -13.87 -27.79 23.07
CA LEU B 262 -14.30 -28.48 21.85
C LEU B 262 -15.06 -29.77 22.19
N ASP B 263 -14.63 -30.51 23.20
CA ASP B 263 -15.35 -31.71 23.65
C ASP B 263 -16.77 -31.42 24.13
N SER B 264 -17.05 -30.22 24.62
CA SER B 264 -18.35 -29.87 25.22
C SER B 264 -19.39 -29.48 24.17
N LEU B 265 -18.95 -29.21 22.93
CA LEU B 265 -19.86 -28.86 21.85
C LEU B 265 -20.81 -29.99 21.49
N ASP B 266 -22.07 -29.61 21.29
CA ASP B 266 -23.10 -30.51 20.72
C ASP B 266 -23.06 -30.36 19.20
N LEU B 267 -22.26 -31.19 18.57
CA LEU B 267 -22.09 -31.21 17.13
C LEU B 267 -23.24 -31.94 16.38
N GLY B 268 -24.21 -32.45 17.15
CA GLY B 268 -25.45 -33.06 16.64
C GLY B 268 -26.52 -32.06 16.22
N GLN B 269 -26.30 -30.78 16.53
CA GLN B 269 -27.26 -29.72 16.19
C GLN B 269 -27.38 -29.49 14.69
N TYR B 270 -28.61 -29.26 14.22
CA TYR B 270 -28.84 -29.14 12.81
C TYR B 270 -30.08 -28.30 12.55
N LEU B 271 -30.26 -27.92 11.28
CA LEU B 271 -31.54 -27.33 10.84
C LEU B 271 -32.11 -28.11 9.68
N ASP B 272 -33.41 -28.40 9.74
CA ASP B 272 -34.03 -29.15 8.70
C ASP B 272 -34.38 -28.25 7.51
N LYS B 273 -35.05 -28.81 6.52
CA LYS B 273 -35.19 -28.16 5.21
C LYS B 273 -35.87 -26.80 5.37
N ASP B 274 -36.98 -26.81 6.07
CA ASP B 274 -37.80 -25.61 6.23
C ASP B 274 -37.17 -24.58 7.14
N ALA B 275 -36.58 -25.04 8.24
CA ALA B 275 -35.88 -24.17 9.19
C ALA B 275 -34.74 -23.45 8.52
N TYR B 276 -33.97 -24.17 7.74
CA TYR B 276 -32.83 -23.57 7.03
C TYR B 276 -33.28 -22.47 6.03
N LYS B 277 -34.22 -22.82 5.15
CA LYS B 277 -34.72 -21.88 4.12
C LYS B 277 -35.19 -20.55 4.75
N GLU B 278 -36.00 -20.68 5.79
CA GLU B 278 -36.62 -19.53 6.44
C GLU B 278 -35.66 -18.68 7.25
N GLN B 279 -34.85 -19.37 8.05
CA GLN B 279 -33.88 -18.73 8.91
C GLN B 279 -32.77 -18.10 8.12
N LEU B 280 -32.32 -18.76 7.03
CA LEU B 280 -31.28 -18.20 6.15
C LEU B 280 -31.78 -16.91 5.52
N ALA B 281 -33.01 -16.95 5.01
CA ALA B 281 -33.66 -15.78 4.39
C ALA B 281 -33.84 -14.66 5.43
N ALA B 282 -34.38 -14.98 6.61
CA ALA B 282 -34.59 -13.95 7.66
C ALA B 282 -33.27 -13.27 8.04
N GLU B 283 -32.22 -14.05 8.28
CA GLU B 283 -30.98 -13.48 8.77
C GLU B 283 -30.24 -12.74 7.66
N GLN B 284 -30.35 -13.21 6.42
CA GLN B 284 -29.82 -12.46 5.27
C GLN B 284 -30.51 -11.10 5.12
N ALA B 285 -31.85 -11.05 5.14
CA ALA B 285 -32.55 -9.78 5.10
C ALA B 285 -32.18 -8.87 6.29
N ARG B 286 -32.05 -9.47 7.47
CA ARG B 286 -31.70 -8.77 8.69
C ARG B 286 -30.32 -8.12 8.57
N LEU B 287 -29.38 -8.81 7.93
CA LEU B 287 -28.01 -8.31 7.77
C LEU B 287 -28.03 -7.13 6.80
N ALA B 288 -28.71 -7.30 5.67
CA ALA B 288 -28.81 -6.23 4.70
C ALA B 288 -29.44 -4.98 5.29
N GLY B 289 -30.45 -5.16 6.14
CA GLY B 289 -31.05 -4.06 6.86
C GLY B 289 -30.20 -3.29 7.87
N LEU B 290 -29.37 -4.03 8.62
CA LEU B 290 -28.51 -3.47 9.63
C LEU B 290 -27.38 -2.67 9.04
N ILE B 291 -26.82 -3.15 7.94
CA ILE B 291 -25.77 -2.46 7.23
C ILE B 291 -26.31 -1.27 6.49
N ARG B 292 -27.54 -1.37 6.01
CA ARG B 292 -28.19 -0.25 5.36
C ARG B 292 -28.62 0.84 6.37
N ASP B 293 -28.69 0.49 7.64
CA ASP B 293 -29.01 1.43 8.69
C ASP B 293 -28.02 2.62 8.77
N LYS B 294 -28.55 3.82 9.01
CA LYS B 294 -27.71 5.01 9.04
C LYS B 294 -26.65 4.90 10.12
N ARG B 295 -26.98 4.23 11.21
CA ARG B 295 -26.06 4.08 12.31
C ARG B 295 -24.84 3.26 11.91
N PHE B 296 -24.88 2.57 10.76
CA PHE B 296 -23.67 1.81 10.33
C PHE B 296 -22.51 2.71 9.89
N ARG B 297 -22.85 3.95 9.55
CA ARG B 297 -21.86 5.00 9.26
C ARG B 297 -20.86 5.31 10.38
N GLN B 298 -21.24 5.05 11.64
CA GLN B 298 -20.38 5.32 12.80
C GLN B 298 -19.56 4.07 13.23
N HIS B 299 -19.64 3.02 12.41
CA HIS B 299 -19.11 1.73 12.74
C HIS B 299 -18.47 1.10 11.51
N SER B 300 -17.92 -0.05 11.71
CA SER B 300 -17.56 -0.90 10.60
C SER B 300 -17.64 -2.32 11.16
N LEU B 301 -17.38 -3.30 10.32
CA LEU B 301 -17.51 -4.68 10.69
C LEU B 301 -16.28 -5.46 10.26
N VAL B 302 -15.74 -6.27 11.18
CA VAL B 302 -14.63 -7.22 10.91
C VAL B 302 -15.15 -8.60 11.31
N ALA B 303 -15.18 -9.56 10.38
CA ALA B 303 -15.52 -10.93 10.72
C ALA B 303 -14.31 -11.84 10.46
N VAL B 304 -13.87 -12.57 11.48
CA VAL B 304 -12.82 -13.57 11.34
C VAL B 304 -13.37 -15.01 11.26
N PHE B 305 -12.88 -15.76 10.28
CA PHE B 305 -13.19 -17.17 10.09
C PHE B 305 -11.96 -18.04 10.21
N GLU B 306 -12.04 -18.95 11.18
CA GLU B 306 -11.07 -20.00 11.36
C GLU B 306 -11.86 -21.28 11.53
N GLY B 307 -11.20 -22.41 11.34
CA GLY B 307 -11.84 -23.65 11.67
C GLY B 307 -11.05 -24.80 11.13
N ASN B 308 -11.56 -25.98 11.34
CA ASN B 308 -10.94 -27.18 10.79
C ASN B 308 -10.97 -27.16 9.24
N ASP B 309 -10.00 -27.78 8.60
CA ASP B 309 -10.08 -28.02 7.16
C ASP B 309 -11.36 -28.82 6.87
N ALA B 310 -12.06 -28.40 5.79
CA ALA B 310 -13.33 -28.92 5.32
C ALA B 310 -14.54 -28.63 6.26
N ALA B 311 -14.38 -27.70 7.23
CA ALA B 311 -15.47 -27.35 8.18
C ALA B 311 -16.58 -26.52 7.51
N GLY B 312 -16.24 -25.87 6.40
CA GLY B 312 -17.21 -25.17 5.55
C GLY B 312 -17.11 -23.66 5.65
N LYS B 313 -15.91 -23.14 5.77
CA LYS B 313 -15.71 -21.71 5.98
C LYS B 313 -16.09 -20.89 4.75
N GLY B 314 -15.65 -21.34 3.60
CA GLY B 314 -15.99 -20.71 2.33
C GLY B 314 -17.47 -20.62 2.07
N GLY B 315 -18.21 -21.69 2.34
CA GLY B 315 -19.67 -21.69 2.15
C GLY B 315 -20.39 -20.79 3.17
N ALA B 316 -19.88 -20.73 4.38
CA ALA B 316 -20.37 -19.80 5.43
C ALA B 316 -20.11 -18.32 5.07
N ILE B 317 -18.91 -18.03 4.58
CA ILE B 317 -18.61 -16.73 4.03
C ILE B 317 -19.58 -16.42 2.87
N ARG B 318 -19.79 -17.33 1.92
CA ARG B 318 -20.67 -17.01 0.78
C ARG B 318 -22.13 -16.68 1.15
N ARG B 319 -22.69 -17.31 2.19
CA ARG B 319 -24.06 -16.98 2.60
C ARG B 319 -24.18 -15.59 3.25
N VAL B 320 -23.06 -15.11 3.82
CA VAL B 320 -22.95 -13.72 4.27
C VAL B 320 -22.87 -12.80 3.04
N THR B 321 -21.96 -13.07 2.11
CA THR B 321 -21.81 -12.23 0.94
C THR B 321 -23.11 -12.22 0.05
N ASP B 322 -23.81 -13.35 0.04
CA ASP B 322 -25.05 -13.50 -0.68
C ASP B 322 -26.08 -12.44 -0.24
N ALA B 323 -25.98 -11.96 1.01
CA ALA B 323 -26.91 -10.99 1.60
C ALA B 323 -26.66 -9.58 1.13
N LEU B 324 -25.49 -9.33 0.54
CA LEU B 324 -25.01 -7.95 0.30
C LEU B 324 -24.61 -7.70 -1.15
N ASP B 325 -24.55 -6.44 -1.53
CA ASP B 325 -23.87 -6.07 -2.79
C ASP B 325 -22.31 -6.14 -2.56
N PRO B 326 -21.57 -6.68 -3.55
CA PRO B 326 -20.13 -6.83 -3.32
C PRO B 326 -19.30 -5.53 -3.13
N ARG B 327 -19.91 -4.37 -3.41
CA ARG B 327 -19.27 -3.10 -3.12
C ARG B 327 -19.37 -2.77 -1.63
N GLN B 328 -20.18 -3.54 -0.89
CA GLN B 328 -20.30 -3.43 0.56
C GLN B 328 -19.29 -4.24 1.39
N TYR B 329 -18.39 -5.05 0.77
CA TYR B 329 -17.49 -5.93 1.57
C TYR B 329 -16.18 -6.17 0.84
N HIS B 330 -15.15 -6.58 1.63
CA HIS B 330 -13.76 -6.78 1.22
C HIS B 330 -13.37 -8.12 1.93
N ILE B 331 -13.19 -9.17 1.14
CA ILE B 331 -12.72 -10.43 1.64
C ILE B 331 -11.26 -10.47 1.46
N VAL B 332 -10.55 -10.82 2.53
CA VAL B 332 -9.09 -11.03 2.53
C VAL B 332 -8.78 -12.50 2.87
N PRO B 333 -8.39 -13.30 1.88
CA PRO B 333 -7.95 -14.61 2.27
C PRO B 333 -6.52 -14.56 2.76
N ILE B 334 -6.27 -14.97 4.01
CA ILE B 334 -4.94 -14.89 4.61
C ILE B 334 -4.12 -16.15 4.33
N ALA B 335 -2.99 -15.92 3.65
CA ALA B 335 -2.01 -16.91 3.24
C ALA B 335 -0.67 -16.61 3.88
N ALA B 336 0.35 -17.34 3.44
CA ALA B 336 1.71 -17.12 3.92
C ALA B 336 2.13 -15.71 3.56
N PRO B 337 2.81 -15.06 4.48
CA PRO B 337 3.12 -13.66 4.21
C PRO B 337 4.01 -13.40 2.99
N THR B 338 3.72 -12.34 2.26
CA THR B 338 4.56 -11.91 1.15
C THR B 338 5.82 -11.19 1.65
N GLU B 339 6.77 -11.01 0.75
CA GLU B 339 8.03 -10.34 1.02
C GLU B 339 7.83 -9.06 1.84
N GLU B 340 6.99 -8.14 1.38
CA GLU B 340 6.77 -6.88 2.05
C GLU B 340 6.16 -7.03 3.41
N GLU B 341 5.29 -8.03 3.59
CA GLU B 341 4.73 -8.34 4.89
C GLU B 341 5.75 -8.90 5.87
N ARG B 342 6.68 -9.70 5.37
CA ARG B 342 7.71 -10.31 6.21
C ARG B 342 8.72 -9.30 6.67
N ALA B 343 8.80 -8.14 6.00
CA ALA B 343 9.70 -7.07 6.34
C ALA B 343 9.17 -6.18 7.45
N GLN B 344 8.01 -6.53 7.97
CA GLN B 344 7.29 -5.73 8.96
C GLN B 344 6.90 -6.61 10.13
N PRO B 345 6.52 -5.99 11.25
CA PRO B 345 6.02 -6.83 12.36
C PRO B 345 4.74 -7.54 12.01
N TYR B 346 4.50 -8.66 12.69
CA TYR B 346 3.45 -9.61 12.42
C TYR B 346 2.11 -8.97 12.07
N LEU B 347 1.64 -8.07 12.91
CA LEU B 347 0.29 -7.51 12.79
C LEU B 347 0.16 -6.47 11.67
N TRP B 348 1.27 -5.93 11.18
CA TRP B 348 1.24 -5.00 10.05
C TRP B 348 0.35 -5.52 8.92
N ARG B 349 0.50 -6.80 8.59
CA ARG B 349 -0.22 -7.39 7.45
C ARG B 349 -1.76 -7.41 7.63
N PHE B 350 -2.24 -7.30 8.86
CA PHE B 350 -3.65 -7.30 9.15
C PHE B 350 -4.18 -5.90 9.29
N TRP B 351 -3.38 -5.02 9.94
CA TRP B 351 -3.77 -3.62 10.04
C TRP B 351 -3.99 -2.99 8.69
N ARG B 352 -3.22 -3.41 7.70
CA ARG B 352 -3.34 -2.88 6.34
C ARG B 352 -4.71 -3.17 5.70
N HIS B 353 -5.47 -4.14 6.23
CA HIS B 353 -6.77 -4.49 5.68
C HIS B 353 -7.92 -4.10 6.59
N ILE B 354 -7.68 -3.26 7.59
CA ILE B 354 -8.72 -2.94 8.58
C ILE B 354 -9.67 -1.97 7.88
N PRO B 355 -10.99 -2.17 8.02
CA PRO B 355 -11.89 -1.33 7.26
C PRO B 355 -12.05 0.10 7.77
N ALA B 356 -12.28 0.99 6.84
CA ALA B 356 -12.81 2.34 7.13
C ALA B 356 -14.26 2.30 7.65
N ARG B 357 -14.71 3.43 8.22
CA ARG B 357 -16.05 3.52 8.67
C ARG B 357 -16.94 3.15 7.50
N ARG B 358 -17.95 2.32 7.80
CA ARG B 358 -19.00 1.87 6.89
C ARG B 358 -18.63 0.71 5.95
N GLN B 359 -17.44 0.17 6.16
CA GLN B 359 -16.98 -0.98 5.43
C GLN B 359 -17.08 -2.29 6.24
N PHE B 360 -16.90 -3.40 5.54
CA PHE B 360 -17.05 -4.73 6.15
C PHE B 360 -15.92 -5.57 5.59
N THR B 361 -14.97 -5.95 6.45
CA THR B 361 -13.85 -6.82 6.05
C THR B 361 -14.03 -8.19 6.65
N ILE B 362 -13.92 -9.19 5.77
CA ILE B 362 -13.93 -10.59 6.16
C ILE B 362 -12.52 -11.17 6.01
N PHE B 363 -12.00 -11.73 7.09
CA PHE B 363 -10.73 -12.42 7.03
C PHE B 363 -10.96 -13.91 6.93
N ASP B 364 -10.51 -14.52 5.85
CA ASP B 364 -10.61 -15.95 5.73
C ASP B 364 -9.25 -16.44 6.13
N ARG B 365 -9.20 -16.91 7.39
CA ARG B 365 -7.96 -17.05 8.19
C ARG B 365 -7.49 -15.60 8.56
N SER B 366 -6.61 -15.48 9.52
CA SER B 366 -6.45 -14.22 10.23
C SER B 366 -5.18 -14.20 11.01
N TRP B 367 -5.11 -13.26 11.93
CA TRP B 367 -3.94 -13.12 12.80
C TRP B 367 -3.79 -14.25 13.80
N TYR B 368 -4.85 -15.04 13.97
CA TYR B 368 -4.79 -16.25 14.82
C TYR B 368 -3.94 -17.38 14.22
N GLY B 369 -3.59 -17.27 12.96
CA GLY B 369 -2.55 -18.15 12.37
C GLY B 369 -1.34 -18.38 13.25
N ARG B 370 -0.86 -17.31 13.86
CA ARG B 370 0.31 -17.39 14.74
C ARG B 370 0.14 -18.37 15.95
N VAL B 371 -1.07 -18.45 16.52
CA VAL B 371 -1.37 -19.32 17.67
C VAL B 371 -1.99 -20.65 17.24
N LEU B 372 -2.06 -20.87 15.94
CA LEU B 372 -2.58 -22.09 15.34
C LEU B 372 -1.48 -22.76 14.49
N VAL B 373 -1.56 -22.69 13.16
CA VAL B 373 -0.51 -23.36 12.31
C VAL B 373 0.97 -22.96 12.60
N GLU B 374 1.22 -21.69 12.88
CA GLU B 374 2.58 -21.25 13.12
C GLU B 374 3.15 -21.94 14.41
N ARG B 375 2.30 -22.04 15.42
CA ARG B 375 2.64 -22.73 16.65
C ARG B 375 2.86 -24.21 16.43
N ILE B 376 1.98 -24.81 15.63
CA ILE B 376 2.01 -26.24 15.48
C ILE B 376 3.13 -26.62 14.53
N GLU B 377 3.43 -25.80 13.53
CA GLU B 377 4.45 -26.17 12.52
C GLU B 377 5.83 -25.64 12.84
N GLY B 378 5.90 -24.70 13.79
CA GLY B 378 7.13 -24.03 14.16
C GLY B 378 7.54 -22.95 13.18
N PHE B 379 6.59 -22.27 12.55
CA PHE B 379 6.91 -21.10 11.71
C PHE B 379 7.21 -19.85 12.56
N CYS B 380 6.99 -19.93 13.86
CA CYS B 380 7.56 -18.91 14.76
C CYS B 380 7.99 -19.62 16.04
N ALA B 381 8.78 -18.95 16.87
CA ALA B 381 9.28 -19.53 18.13
C ALA B 381 8.20 -19.54 19.22
N PRO B 382 8.31 -20.44 20.21
CA PRO B 382 7.32 -20.47 21.28
C PRO B 382 7.07 -19.10 21.95
N ALA B 383 8.13 -18.34 22.22
CA ALA B 383 8.01 -17.05 22.88
C ALA B 383 7.20 -16.16 22.00
N ASP B 384 7.27 -16.35 20.68
CA ASP B 384 6.50 -15.52 19.75
C ASP B 384 4.99 -15.72 19.84
N TRP B 385 4.56 -16.98 19.79
CA TRP B 385 3.14 -17.28 19.89
C TRP B 385 2.61 -17.08 21.29
N LEU B 386 3.44 -17.25 22.31
CA LEU B 386 2.95 -16.98 23.67
C LEU B 386 2.57 -15.53 23.88
N ARG B 387 3.42 -14.61 23.39
CA ARG B 387 3.11 -13.19 23.49
C ARG B 387 2.00 -12.75 22.53
N ALA B 388 1.80 -13.50 21.44
CA ALA B 388 0.73 -13.15 20.47
C ALA B 388 -0.67 -12.99 21.11
N TYR B 389 -1.00 -13.82 22.10
CA TYR B 389 -2.37 -13.80 22.66
C TYR B 389 -2.73 -12.41 23.17
N GLY B 390 -1.84 -11.81 23.95
CA GLY B 390 -2.04 -10.49 24.52
C GLY B 390 -1.92 -9.39 23.49
N GLU B 391 -1.03 -9.59 22.54
CA GLU B 391 -0.88 -8.64 21.40
C GLU B 391 -2.13 -8.60 20.52
N ILE B 392 -2.73 -9.78 20.33
CA ILE B 392 -4.01 -9.89 19.63
C ILE B 392 -5.14 -9.22 20.40
N ASN B 393 -5.22 -9.44 21.71
CA ASN B 393 -6.24 -8.77 22.56
C ASN B 393 -6.10 -7.25 22.51
N ASP B 394 -4.85 -6.79 22.52
CA ASP B 394 -4.58 -5.36 22.48
C ASP B 394 -5.06 -4.81 21.14
N PHE B 395 -4.80 -5.57 20.06
CA PHE B 395 -5.25 -5.25 18.69
C PHE B 395 -6.76 -5.10 18.60
N GLU B 396 -7.50 -6.09 19.10
CA GLU B 396 -8.96 -6.11 18.97
C GLU B 396 -9.59 -5.01 19.85
N GLU B 397 -8.95 -4.71 20.94
CA GLU B 397 -9.40 -3.61 21.82
C GLU B 397 -9.24 -2.26 21.11
N GLN B 398 -8.10 -2.05 20.43
CA GLN B 398 -7.92 -0.87 19.57
C GLN B 398 -9.09 -0.77 18.56
N LEU B 399 -9.42 -1.90 17.93
CA LEU B 399 -10.45 -1.89 16.90
C LEU B 399 -11.79 -1.53 17.54
N SER B 400 -12.16 -2.28 18.53
CA SER B 400 -13.39 -2.03 19.28
C SER B 400 -13.53 -0.63 19.81
N GLU B 401 -12.46 -0.09 20.39
CA GLU B 401 -12.56 1.25 20.97
C GLU B 401 -12.96 2.30 19.90
N TYR B 402 -12.59 2.06 18.65
CA TYR B 402 -12.90 3.02 17.60
C TYR B 402 -14.32 2.82 17.08
N GLY B 403 -14.97 1.72 17.43
CA GLY B 403 -16.32 1.47 16.91
C GLY B 403 -16.43 0.34 15.89
N ILE B 404 -15.32 -0.34 15.61
CA ILE B 404 -15.32 -1.52 14.76
C ILE B 404 -15.93 -2.70 15.54
N ILE B 405 -16.92 -3.33 14.91
CA ILE B 405 -17.68 -4.45 15.47
C ILE B 405 -16.90 -5.71 15.10
N VAL B 406 -16.35 -6.42 16.08
CA VAL B 406 -15.50 -7.57 15.78
C VAL B 406 -16.22 -8.88 16.16
N VAL B 407 -16.37 -9.79 15.19
CA VAL B 407 -16.96 -11.12 15.41
C VAL B 407 -15.94 -12.13 14.94
N LYS B 408 -15.83 -13.25 15.67
CA LYS B 408 -14.82 -14.31 15.42
C LYS B 408 -15.44 -15.67 15.43
N PHE B 409 -15.16 -16.45 14.39
CA PHE B 409 -15.78 -17.77 14.21
C PHE B 409 -14.73 -18.87 14.18
N TRP B 410 -14.93 -19.90 15.01
CA TRP B 410 -14.22 -21.14 14.87
C TRP B 410 -15.26 -22.16 14.47
N LEU B 411 -15.14 -22.69 13.25
CA LEU B 411 -16.07 -23.68 12.77
C LEU B 411 -15.49 -25.04 13.06
N ALA B 412 -16.23 -25.78 13.90
CA ALA B 412 -15.81 -27.07 14.49
C ALA B 412 -16.59 -28.23 13.87
N ILE B 413 -15.85 -29.21 13.36
CA ILE B 413 -16.45 -30.48 12.98
C ILE B 413 -15.70 -31.60 13.79
N ASP B 414 -16.27 -32.77 13.91
CA ASP B 414 -15.48 -33.89 14.46
C ASP B 414 -14.57 -34.53 13.39
N LYS B 415 -13.63 -35.34 13.85
CA LYS B 415 -12.59 -35.84 12.98
C LYS B 415 -13.17 -36.76 11.90
N GLN B 416 -14.22 -37.51 12.27
CA GLN B 416 -14.81 -38.50 11.40
C GLN B 416 -15.53 -37.76 10.27
N THR B 417 -16.16 -36.65 10.62
CA THR B 417 -16.82 -35.81 9.63
C THR B 417 -15.80 -35.21 8.65
N GLN B 418 -14.64 -34.81 9.18
CA GLN B 418 -13.59 -34.30 8.29
C GLN B 418 -13.21 -35.37 7.25
N GLU B 420 -14.81 -37.95 6.05
CA GLU B 420 -15.88 -38.13 5.12
C GLU B 420 -15.94 -37.01 4.07
N ARG B 421 -15.79 -35.75 4.50
CA ARG B 421 -15.76 -34.61 3.57
C ARG B 421 -14.54 -34.64 2.64
N PHE B 422 -13.41 -35.05 3.21
CA PHE B 422 -12.17 -35.30 2.46
C PHE B 422 -12.41 -36.34 1.38
N LYS B 423 -13.10 -37.44 1.75
CA LYS B 423 -13.49 -38.51 0.79
C LYS B 423 -14.41 -38.03 -0.33
N GLU B 424 -15.49 -37.39 0.05
CA GLU B 424 -16.40 -36.79 -0.87
C GLU B 424 -15.70 -35.83 -1.88
N ARG B 425 -14.80 -35.01 -1.36
CA ARG B 425 -14.11 -33.98 -2.14
C ARG B 425 -13.17 -34.64 -3.14
N GLU B 426 -12.44 -35.66 -2.69
CA GLU B 426 -11.58 -36.48 -3.56
C GLU B 426 -12.31 -37.05 -4.78
N LYS B 427 -13.54 -37.53 -4.62
CA LYS B 427 -14.19 -38.23 -5.73
C LYS B 427 -15.00 -37.32 -6.66
N THR B 428 -15.02 -36.01 -6.38
CA THR B 428 -15.51 -35.06 -7.35
C THR B 428 -14.39 -34.93 -8.42
N PRO B 429 -14.76 -34.57 -9.65
CA PRO B 429 -13.84 -34.23 -10.75
C PRO B 429 -13.40 -32.77 -10.78
N TYR B 430 -13.53 -32.09 -9.65
CA TYR B 430 -13.17 -30.69 -9.49
C TYR B 430 -11.81 -30.51 -8.83
N LYS B 431 -10.88 -29.89 -9.56
CA LYS B 431 -9.50 -29.67 -9.10
C LYS B 431 -9.47 -28.81 -7.85
N ARG B 432 -10.40 -27.87 -7.74
CA ARG B 432 -10.50 -27.03 -6.56
C ARG B 432 -10.69 -27.82 -5.27
N TYR B 433 -11.35 -28.97 -5.36
CA TYR B 433 -11.62 -29.80 -4.17
C TYR B 433 -10.57 -30.86 -3.79
N LYS B 434 -9.51 -30.99 -4.58
CA LYS B 434 -8.40 -31.92 -4.30
C LYS B 434 -7.88 -31.77 -2.87
N ILE B 435 -7.76 -32.87 -2.16
CA ILE B 435 -7.18 -32.84 -0.85
C ILE B 435 -5.68 -32.85 -1.03
N THR B 436 -5.00 -31.84 -0.48
CA THR B 436 -3.58 -31.66 -0.73
C THR B 436 -2.74 -32.43 0.30
N GLU B 437 -1.43 -32.49 0.09
CA GLU B 437 -0.51 -33.10 1.06
C GLU B 437 -0.49 -32.33 2.39
N GLU B 438 -0.69 -31.02 2.32
CA GLU B 438 -0.77 -30.19 3.52
C GLU B 438 -2.05 -30.48 4.30
N ASP B 439 -3.12 -30.82 3.58
CA ASP B 439 -4.40 -31.14 4.22
C ASP B 439 -4.28 -32.37 5.07
N TRP B 440 -3.60 -33.38 4.54
CA TRP B 440 -3.30 -34.59 5.31
C TRP B 440 -2.31 -34.32 6.46
N ARG B 441 -1.38 -33.41 6.23
CA ARG B 441 -0.40 -33.02 7.25
C ARG B 441 -1.15 -32.44 8.43
N ASN B 442 -2.05 -31.50 8.15
CA ASN B 442 -2.80 -30.87 9.20
C ASN B 442 -3.69 -31.89 9.97
N ARG B 443 -4.30 -32.83 9.23
CA ARG B 443 -5.24 -33.81 9.81
C ARG B 443 -4.47 -34.70 10.77
N ASP B 444 -3.27 -35.14 10.35
CA ASP B 444 -2.35 -35.83 11.27
C ASP B 444 -2.08 -35.14 12.61
N LYS B 445 -2.20 -33.81 12.64
CA LYS B 445 -1.93 -33.01 13.85
C LYS B 445 -3.24 -32.55 14.52
N TRP B 446 -4.31 -33.28 14.23
CA TRP B 446 -5.67 -32.99 14.69
C TRP B 446 -5.67 -32.63 16.18
N ASP B 447 -5.01 -33.44 16.98
CA ASP B 447 -5.04 -33.26 18.46
C ASP B 447 -4.23 -32.04 18.85
N GLN B 448 -3.20 -31.72 18.08
CA GLN B 448 -2.42 -30.49 18.36
C GLN B 448 -3.29 -29.27 18.08
N TYR B 449 -4.12 -29.35 17.05
CA TYR B 449 -5.10 -28.25 16.76
C TYR B 449 -6.19 -28.15 17.81
N VAL B 450 -6.68 -29.27 18.34
CA VAL B 450 -7.67 -29.20 19.43
C VAL B 450 -7.13 -28.41 20.64
N ASP B 451 -5.92 -28.75 21.04
CA ASP B 451 -5.27 -28.08 22.15
C ASP B 451 -5.00 -26.63 21.89
N ALA B 452 -4.55 -26.31 20.69
CA ALA B 452 -4.23 -24.94 20.35
C ALA B 452 -5.48 -24.00 20.35
N VAL B 453 -6.61 -24.50 19.90
CA VAL B 453 -7.90 -23.78 19.90
C VAL B 453 -8.43 -23.56 21.30
N GLY B 454 -8.31 -24.59 22.10
CA GLY B 454 -8.51 -24.44 23.53
C GLY B 454 -7.73 -23.32 24.15
N ASP B 455 -6.43 -23.27 23.95
CA ASP B 455 -5.61 -22.19 24.51
C ASP B 455 -6.02 -20.83 23.97
N VAL B 457 -9.01 -19.81 22.70
CA VAL B 457 -10.30 -19.30 23.19
C VAL B 457 -10.17 -18.90 24.68
N ASP B 458 -9.39 -19.66 25.43
CA ASP B 458 -9.14 -19.35 26.84
C ASP B 458 -8.50 -17.99 26.94
N ARG B 459 -7.57 -17.70 26.05
CA ARG B 459 -6.74 -16.49 26.17
C ARG B 459 -7.16 -15.29 25.32
N THR B 460 -8.12 -15.45 24.42
CA THR B 460 -8.53 -14.33 23.54
C THR B 460 -10.04 -14.18 23.34
N SER B 461 -10.86 -15.01 23.99
CA SER B 461 -12.30 -14.80 23.94
C SER B 461 -12.57 -13.80 25.04
N THR B 462 -12.66 -12.53 24.69
CA THR B 462 -12.74 -11.46 25.69
C THR B 462 -14.16 -10.92 25.71
N GLU B 463 -14.50 -10.06 26.67
CA GLU B 463 -15.78 -9.33 26.69
C GLU B 463 -15.91 -8.42 25.46
N ILE B 464 -14.80 -7.82 25.07
CA ILE B 464 -14.76 -6.93 23.92
C ILE B 464 -14.91 -7.72 22.62
N ALA B 465 -14.25 -8.87 22.57
CA ALA B 465 -14.20 -9.70 21.37
C ALA B 465 -14.34 -11.19 21.69
N PRO B 466 -15.59 -11.66 21.92
CA PRO B 466 -15.76 -13.11 22.12
C PRO B 466 -15.54 -14.02 20.92
N TRP B 467 -15.09 -15.25 21.19
CA TRP B 467 -15.08 -16.32 20.19
C TRP B 467 -16.46 -16.94 20.17
N THR B 468 -16.95 -17.08 18.94
CA THR B 468 -18.15 -17.86 18.64
C THR B 468 -17.72 -19.20 18.08
N LEU B 469 -18.00 -20.27 18.83
CA LEU B 469 -17.72 -21.61 18.33
CA LEU B 469 -17.73 -21.65 18.38
C LEU B 469 -18.93 -22.11 17.56
N VAL B 470 -18.70 -22.45 16.29
CA VAL B 470 -19.78 -22.80 15.40
C VAL B 470 -19.77 -24.28 15.11
N GLU B 471 -20.81 -24.94 15.57
CA GLU B 471 -21.03 -26.33 15.32
C GLU B 471 -21.42 -26.54 13.86
N ALA B 472 -20.57 -27.24 13.13
CA ALA B 472 -20.50 -27.16 11.67
C ALA B 472 -20.61 -28.51 10.94
N ASN B 473 -20.87 -29.57 11.66
CA ASN B 473 -21.17 -30.87 11.03
C ASN B 473 -22.45 -30.72 10.19
N ASP B 474 -23.34 -29.83 10.57
CA ASP B 474 -24.42 -29.50 9.66
C ASP B 474 -24.16 -28.10 9.11
N LYS B 475 -23.88 -28.01 7.81
CA LYS B 475 -23.64 -26.69 7.17
C LYS B 475 -24.78 -25.70 7.29
N ARG B 476 -26.00 -26.19 7.30
CA ARG B 476 -27.15 -25.31 7.40
C ARG B 476 -27.16 -24.58 8.71
N PHE B 477 -27.10 -25.32 9.82
CA PHE B 477 -26.96 -24.70 11.13
C PHE B 477 -25.78 -23.70 11.19
N ALA B 478 -24.61 -24.10 10.67
CA ALA B 478 -23.35 -23.30 10.72
C ALA B 478 -23.50 -21.98 10.04
N ARG B 479 -24.13 -22.01 8.85
CA ARG B 479 -24.34 -20.84 8.02
C ARG B 479 -25.32 -19.83 8.69
N VAL B 480 -26.43 -20.33 9.23
CA VAL B 480 -27.38 -19.46 9.98
C VAL B 480 -26.77 -18.92 11.28
N LYS B 481 -26.10 -19.73 12.09
CA LYS B 481 -25.39 -19.26 13.27
C LYS B 481 -24.35 -18.14 12.98
N VAL B 482 -23.59 -18.28 11.91
CA VAL B 482 -22.69 -17.17 11.44
C VAL B 482 -23.47 -15.87 11.18
N LEU B 483 -24.48 -15.93 10.31
CA LEU B 483 -25.30 -14.75 10.03
C LEU B 483 -25.92 -14.22 11.28
N ARG B 484 -26.50 -15.07 12.13
CA ARG B 484 -27.18 -14.54 13.33
C ARG B 484 -26.20 -13.85 14.28
N THR B 485 -25.02 -14.42 14.41
CA THR B 485 -24.00 -13.85 15.30
C THR B 485 -23.56 -12.47 14.83
N ILE B 486 -23.28 -12.35 13.54
CA ILE B 486 -22.90 -11.02 12.99
C ILE B 486 -24.02 -10.04 13.32
N ASN B 487 -25.25 -10.43 13.09
CA ASN B 487 -26.36 -9.48 13.17
C ASN B 487 -26.60 -9.01 14.62
N ASP B 488 -26.53 -9.97 15.55
CA ASP B 488 -26.70 -9.71 17.00
C ASP B 488 -25.60 -8.72 17.38
N ALA B 489 -24.37 -8.93 16.90
CA ALA B 489 -23.25 -8.03 17.23
C ALA B 489 -23.47 -6.59 16.72
N ILE B 490 -24.03 -6.44 15.53
CA ILE B 490 -24.33 -5.13 15.01
C ILE B 490 -25.43 -4.47 15.85
N GLU B 491 -26.54 -5.19 16.09
CA GLU B 491 -27.63 -4.70 16.95
C GLU B 491 -27.12 -4.32 18.32
N ALA B 492 -26.28 -5.17 18.89
CA ALA B 492 -25.62 -4.87 20.16
C ALA B 492 -24.89 -3.49 20.11
N ALA B 493 -24.27 -3.15 18.98
CA ALA B 493 -23.47 -1.92 18.87
C ALA B 493 -24.40 -0.74 18.81
N TYR B 494 -25.51 -0.89 18.07
CA TYR B 494 -26.47 0.21 17.92
C TYR B 494 -27.12 0.52 19.26
N LYS B 495 -27.42 -0.53 20.05
CA LYS B 495 -27.96 -0.35 21.38
C LYS B 495 -26.97 0.38 22.29
N LYS B 496 -25.70 -0.05 22.27
CA LYS B 496 -24.67 0.56 23.11
C LYS B 496 -24.45 2.04 22.74
N ASP B 497 -24.49 2.35 21.44
CA ASP B 497 -24.51 3.76 21.00
C ASP B 497 -25.61 4.62 21.64
N LYS B 498 -26.61 3.97 22.23
CA LYS B 498 -27.67 4.60 23.12
C LYS B 498 -28.94 4.98 22.33
#